data_7R2B
#
_entry.id   7R2B
#
_cell.length_a   142.29
_cell.length_b   64.056
_cell.length_c   117.185
_cell.angle_alpha   90
_cell.angle_beta   103.19
_cell.angle_gamma   90
#
_symmetry.space_group_name_H-M   'C 1 2 1'
#
loop_
_entity.id
_entity.type
_entity.pdbx_description
1 polymer 'Phosphatidylinositol 4,5-bisphosphate 3-kinase catalytic subunit delta isoform'
2 non-polymer (4~{S})-3-[6-[2-azanyl-4-(trifluoromethyl)pyrimidin-5-yl]-2-morpholin-4-yl-pyrimidin-4-yl]-4-methyl-1,3-oxazolidin-2-one
3 water water
#
_entity_poly.entity_id   1
_entity_poly.type   'polypeptide(L)'
_entity_poly.pdbx_seq_one_letter_code
;GGDRVKKLINSQISLLIGKGLHEFDSLRDPEVNDFRTKMRQFCEEAAAHRQQLGWVEWLQYSFPLQLEPSARGWRAGLLR
VSNRALLVNVKFEGSEESFTFQVSTKDMPLALMACALRKKATVFRQPLVEQPEEYALQVNGRHEYLYGNYPLCHFQYICS
CLHSGLTPHLTMVHSSSILAMRDEQSNPAPQVQKPRAKPPPIPAKKPSSVSLWSLEQPFSIELIEGRKVNADERMKLVVQ
AGLFHGNEMLCKTVSSSEVNVCSEPVWKQRLEFDISVCDLPRMARLCFALYAVVEKAKKARSTKKKSKKADCPIAWANLM
LFDYKDQLKTGERCLYMWPSVPDEKGELLNPAGTVRGNPNTESAAALVIYLPEVAPHPVYFPALEKILELGRHGERGRIT
EEEQLQLREILERRGSGELYEHEKDLVWKMRHEVQEHFPEALARLLLVTKWNKHEDVAQMLYLLCSWPELPVLSALELLD
FSFPDCYVGSFAIKSLRKLTDDELFQYLLQLVQVLKYESYLDCELTKFLLGRALANRKIGHFLFWHLRSEMHVPSVALRF
GLIMEAYCRGSTHHMKVLMKQGEALSKLKALNDFVKVSSQKTTKPQTKEMMHMCMRQETYMEALSHLQSPLDPSTLLEEV
CVEQCTFMDSKMKPLWIMYSSEEAGSAGNVGIIFKNGDDLRQDMLTLQMIQLMDVLWKQEGLDLRMTPYGCLPTGDRTGL
IEVVLHSDTIANIQLNKSNMAATAAFNKDALLNWLKSKNPGEALDRAIEEFTLSCAGYCVATYVLGIGDRHSDNIMIRES
GQLFHIDFGHFLGNFKTKFGINRERVPFILTYDFVHVIQQGKTNNSEKFERFRGYCERAYTILRRHGLLFLHLFALMRAA
GLPELSCSKDIQYLKDSLALGKTEEEALKHFRVKFNEALRESWKTKVNWLAHNVSKDNRQ
;
_entity_poly.pdbx_strand_id   A
#
# COMPACT_ATOMS: atom_id res chain seq x y z
N ARG A 4 19.90 25.43 18.93
CA ARG A 4 20.13 25.20 17.50
C ARG A 4 20.04 23.72 17.08
N VAL A 5 19.92 22.80 18.06
CA VAL A 5 19.74 21.38 17.75
C VAL A 5 18.33 21.15 17.15
N LYS A 6 17.32 21.93 17.64
CA LYS A 6 15.93 21.91 17.18
C LYS A 6 15.75 22.67 15.85
N LYS A 7 16.44 23.81 15.64
CA LYS A 7 16.33 24.55 14.38
C LYS A 7 16.81 23.70 13.21
N LEU A 8 17.90 22.95 13.39
CA LEU A 8 18.37 22.05 12.33
C LEU A 8 17.35 20.94 12.11
N ILE A 9 16.88 20.28 13.20
CA ILE A 9 15.92 19.18 13.10
C ILE A 9 14.62 19.60 12.39
N ASN A 10 14.04 20.76 12.76
CA ASN A 10 12.82 21.30 12.18
C ASN A 10 12.93 21.65 10.71
N SER A 11 14.04 22.27 10.30
CA SER A 11 14.24 22.61 8.90
C SER A 11 14.43 21.36 8.04
N GLN A 12 15.02 20.30 8.62
CA GLN A 12 15.19 19.01 7.93
C GLN A 12 13.83 18.35 7.77
N ILE A 13 12.96 18.44 8.82
CA ILE A 13 11.60 17.93 8.78
C ILE A 13 10.85 18.64 7.67
N SER A 14 10.90 19.98 7.62
CA SER A 14 10.22 20.76 6.58
C SER A 14 10.63 20.28 5.19
N LEU A 15 11.94 20.11 4.98
CA LEU A 15 12.50 19.68 3.72
C LEU A 15 12.04 18.26 3.33
N LEU A 16 12.06 17.32 4.28
CA LEU A 16 11.66 15.92 4.11
C LEU A 16 10.18 15.71 3.76
N ILE A 17 9.29 16.41 4.46
CA ILE A 17 7.86 16.25 4.26
C ILE A 17 7.28 17.12 3.12
N GLY A 18 8.09 18.00 2.53
CA GLY A 18 7.67 18.83 1.42
C GLY A 18 6.64 19.88 1.79
N LYS A 19 6.72 20.37 3.04
CA LYS A 19 5.83 21.40 3.57
C LYS A 19 6.51 22.06 4.79
N GLY A 20 6.69 23.38 4.74
CA GLY A 20 7.31 24.10 5.85
C GLY A 20 6.48 24.01 7.11
N LEU A 21 7.14 23.80 8.27
CA LEU A 21 6.44 23.72 9.56
C LEU A 21 5.78 25.04 9.95
N HIS A 22 6.23 26.17 9.37
CA HIS A 22 5.67 27.50 9.58
C HIS A 22 4.26 27.58 8.98
N GLU A 23 4.00 26.82 7.89
CA GLU A 23 2.69 26.79 7.26
C GLU A 23 1.62 26.29 8.25
N PHE A 24 2.00 25.37 9.19
CA PHE A 24 1.13 24.85 10.23
C PHE A 24 0.81 25.91 11.32
N ASP A 25 1.85 26.58 11.84
CA ASP A 25 1.70 27.62 12.86
C ASP A 25 0.85 28.77 12.38
N SER A 26 1.08 29.22 11.13
CA SER A 26 0.35 30.34 10.53
C SER A 26 -1.14 30.05 10.28
N LEU A 27 -1.60 28.80 10.47
CA LEU A 27 -3.02 28.46 10.34
C LEU A 27 -3.81 28.91 11.58
N ARG A 28 -3.13 29.13 12.75
CA ARG A 28 -3.71 29.52 14.04
C ARG A 28 -4.94 28.68 14.36
N ASP A 29 -4.83 27.38 14.09
CA ASP A 29 -5.90 26.40 14.21
C ASP A 29 -5.74 25.56 15.46
N PRO A 30 -6.55 25.77 16.52
CA PRO A 30 -6.40 24.97 17.74
C PRO A 30 -6.38 23.46 17.50
N GLU A 31 -7.05 22.98 16.45
CA GLU A 31 -7.08 21.54 16.17
C GLU A 31 -5.72 21.07 15.70
N VAL A 32 -5.11 21.77 14.70
CA VAL A 32 -3.79 21.42 14.19
C VAL A 32 -2.76 21.49 15.31
N ASN A 33 -2.84 22.55 16.14
CA ASN A 33 -1.95 22.74 17.29
C ASN A 33 -2.10 21.61 18.32
N ASP A 34 -3.33 21.18 18.60
CA ASP A 34 -3.57 20.10 19.56
C ASP A 34 -3.16 18.74 19.03
N PHE A 35 -3.20 18.53 17.70
CA PHE A 35 -2.73 17.26 17.12
C PHE A 35 -1.20 17.27 17.25
N ARG A 36 -0.54 18.38 16.85
CA ARG A 36 0.91 18.54 16.93
C ARG A 36 1.52 18.22 18.28
N THR A 37 1.09 18.89 19.36
CA THR A 37 1.68 18.68 20.67
C THR A 37 1.34 17.30 21.28
N LYS A 38 0.10 16.80 21.05
CA LYS A 38 -0.29 15.49 21.60
C LYS A 38 0.46 14.37 20.91
N MET A 39 0.56 14.43 19.58
CA MET A 39 1.24 13.42 18.79
C MET A 39 2.75 13.47 18.91
N ARG A 40 3.31 14.65 19.21
CA ARG A 40 4.76 14.78 19.41
C ARG A 40 5.16 13.99 20.67
N GLN A 41 4.44 14.19 21.80
CA GLN A 41 4.77 13.46 23.04
C GLN A 41 4.58 11.95 22.83
N PHE A 42 3.49 11.57 22.14
CA PHE A 42 3.17 10.18 21.85
C PHE A 42 4.33 9.48 21.14
N CYS A 43 4.89 10.16 20.16
CA CYS A 43 6.01 9.67 19.36
C CYS A 43 7.33 9.67 20.10
N GLU A 44 7.60 10.72 20.90
CA GLU A 44 8.81 10.79 21.71
C GLU A 44 8.85 9.71 22.80
N GLU A 45 7.67 9.32 23.37
CA GLU A 45 7.54 8.24 24.38
C GLU A 45 7.99 6.92 23.74
N ALA A 46 7.54 6.68 22.49
CA ALA A 46 7.88 5.48 21.74
C ALA A 46 9.37 5.45 21.42
N ALA A 47 9.94 6.59 21.05
CA ALA A 47 11.36 6.68 20.75
C ALA A 47 12.20 6.32 21.98
N ALA A 48 11.75 6.76 23.17
CA ALA A 48 12.46 6.48 24.42
C ALA A 48 12.33 5.02 24.80
N HIS A 49 11.14 4.43 24.62
CA HIS A 49 10.93 3.00 24.89
C HIS A 49 11.89 2.14 24.04
N ARG A 50 12.14 2.59 22.81
CA ARG A 50 13.01 1.93 21.86
C ARG A 50 14.49 2.04 22.20
N GLN A 51 14.89 3.15 22.82
CA GLN A 51 16.28 3.35 23.19
C GLN A 51 16.73 2.43 24.36
N GLN A 52 15.80 1.74 25.06
CA GLN A 52 16.21 0.80 26.12
C GLN A 52 15.85 -0.68 25.83
N LEU A 53 15.41 -1.00 24.61
CA LEU A 53 15.11 -2.38 24.21
C LEU A 53 16.40 -3.20 24.21
N GLY A 54 16.26 -4.52 24.32
CA GLY A 54 17.40 -5.44 24.19
C GLY A 54 17.90 -5.46 22.75
N TRP A 55 19.10 -6.02 22.53
CA TRP A 55 19.70 -6.01 21.20
C TRP A 55 18.95 -6.86 20.18
N VAL A 56 18.32 -7.94 20.60
CA VAL A 56 17.49 -8.75 19.69
C VAL A 56 16.18 -8.02 19.41
N GLU A 57 15.66 -7.27 20.39
CA GLU A 57 14.44 -6.50 20.23
C GLU A 57 14.65 -5.32 19.31
N TRP A 58 15.86 -4.72 19.34
CA TRP A 58 16.25 -3.64 18.44
C TRP A 58 16.32 -4.21 17.00
N LEU A 59 16.83 -5.44 16.83
CA LEU A 59 16.92 -6.09 15.51
C LEU A 59 15.52 -6.30 14.97
N GLN A 60 14.56 -6.74 15.82
CA GLN A 60 13.17 -6.93 15.46
C GLN A 60 12.58 -5.59 14.95
N TYR A 61 12.96 -4.47 15.60
CA TYR A 61 12.53 -3.14 15.21
C TYR A 61 13.10 -2.69 13.83
N SER A 62 14.42 -2.53 13.69
CA SER A 62 14.99 -1.96 12.46
C SER A 62 15.15 -2.93 11.31
N PHE A 63 15.37 -4.22 11.60
CA PHE A 63 15.53 -5.21 10.55
C PHE A 63 14.58 -6.37 10.83
N PRO A 64 13.25 -6.18 10.65
CA PRO A 64 12.33 -7.30 10.92
C PRO A 64 12.59 -8.49 9.99
N LEU A 65 12.47 -9.71 10.53
CA LEU A 65 12.68 -10.97 9.81
C LEU A 65 11.82 -11.12 8.58
N GLN A 66 12.43 -11.57 7.48
CA GLN A 66 11.69 -11.78 6.24
C GLN A 66 11.42 -13.26 6.02
N LEU A 67 10.27 -13.73 6.47
CA LEU A 67 9.87 -15.14 6.47
C LEU A 67 8.97 -15.55 5.27
N GLU A 68 8.63 -16.85 5.20
CA GLU A 68 7.84 -17.47 4.14
C GLU A 68 6.40 -17.72 4.60
N PRO A 69 5.42 -17.47 3.70
CA PRO A 69 4.01 -17.66 4.10
C PRO A 69 3.66 -19.10 4.49
N ASN A 83 16.77 -32.65 6.31
CA ASN A 83 15.89 -32.94 5.17
C ASN A 83 16.50 -32.55 3.81
N ARG A 84 17.45 -31.59 3.80
CA ARG A 84 18.13 -31.14 2.59
C ARG A 84 19.51 -30.52 2.90
N ALA A 85 20.45 -30.56 1.95
CA ALA A 85 21.79 -29.99 2.16
C ALA A 85 21.91 -28.54 1.64
N LEU A 86 22.77 -27.75 2.28
CA LEU A 86 22.96 -26.35 1.90
C LEU A 86 24.36 -25.86 2.19
N LEU A 87 25.11 -25.49 1.14
CA LEU A 87 26.47 -24.95 1.33
C LEU A 87 26.32 -23.45 1.61
N VAL A 88 26.81 -22.99 2.77
CA VAL A 88 26.69 -21.59 3.17
C VAL A 88 28.04 -20.94 3.42
N ASN A 89 28.29 -19.76 2.83
CA ASN A 89 29.50 -19.01 3.13
C ASN A 89 29.18 -18.10 4.33
N VAL A 90 29.98 -18.15 5.40
CA VAL A 90 29.81 -17.31 6.59
C VAL A 90 31.15 -16.67 6.94
N LYS A 91 31.15 -15.38 7.26
CA LYS A 91 32.36 -14.66 7.65
C LYS A 91 32.06 -13.80 8.90
N PHE A 92 33.06 -13.11 9.48
CA PHE A 92 32.83 -12.27 10.64
C PHE A 92 33.01 -10.78 10.28
N GLU A 93 32.61 -9.85 11.17
CA GLU A 93 32.81 -8.42 10.93
C GLU A 93 34.29 -8.10 11.23
N GLY A 94 34.93 -7.33 10.36
CA GLY A 94 36.34 -6.97 10.55
C GLY A 94 37.32 -8.07 10.21
N SER A 95 36.98 -8.88 9.18
CA SER A 95 37.81 -9.97 8.68
C SER A 95 37.30 -10.39 7.31
N GLU A 96 38.17 -10.44 6.31
CA GLU A 96 37.79 -10.88 4.97
C GLU A 96 37.78 -12.42 4.86
N GLU A 97 38.43 -13.13 5.82
CA GLU A 97 38.54 -14.58 5.90
C GLU A 97 37.20 -15.28 6.04
N SER A 98 36.58 -15.61 4.90
CA SER A 98 35.32 -16.33 4.84
C SER A 98 35.51 -17.82 5.22
N PHE A 99 34.41 -18.56 5.38
CA PHE A 99 34.43 -19.99 5.68
C PHE A 99 33.15 -20.61 5.15
N THR A 100 33.26 -21.66 4.32
CA THR A 100 32.07 -22.29 3.74
C THR A 100 31.61 -23.55 4.51
N PHE A 101 30.63 -23.38 5.42
CA PHE A 101 30.10 -24.52 6.17
C PHE A 101 29.08 -25.30 5.30
N GLN A 102 28.67 -26.49 5.73
CA GLN A 102 27.70 -27.29 4.99
C GLN A 102 26.58 -27.69 5.94
N VAL A 103 25.64 -26.77 6.15
CA VAL A 103 24.51 -26.92 7.06
C VAL A 103 23.28 -27.53 6.34
N SER A 104 22.26 -27.92 7.10
CA SER A 104 21.02 -28.45 6.52
C SER A 104 19.98 -27.32 6.47
N THR A 105 19.04 -27.38 5.50
CA THR A 105 17.97 -26.38 5.42
C THR A 105 17.00 -26.46 6.63
N LYS A 106 17.01 -27.58 7.38
CA LYS A 106 16.16 -27.72 8.56
C LYS A 106 16.79 -27.14 9.85
N ASP A 107 18.08 -26.77 9.80
CA ASP A 107 18.83 -26.23 10.93
C ASP A 107 18.41 -24.79 11.25
N MET A 108 18.50 -24.41 12.51
CA MET A 108 18.16 -23.05 12.95
C MET A 108 19.38 -22.15 12.70
N PRO A 109 19.22 -20.81 12.66
CA PRO A 109 20.40 -19.94 12.51
C PRO A 109 21.45 -20.15 13.62
N LEU A 110 21.03 -20.57 14.85
CA LEU A 110 21.95 -20.82 15.96
C LEU A 110 22.90 -21.98 15.69
N ALA A 111 22.46 -22.97 14.87
CA ALA A 111 23.30 -24.11 14.53
C ALA A 111 24.43 -23.68 13.61
N LEU A 112 24.14 -22.79 12.65
CA LEU A 112 25.15 -22.27 11.74
C LEU A 112 26.12 -21.39 12.53
N MET A 113 25.62 -20.56 13.46
CA MET A 113 26.49 -19.69 14.26
C MET A 113 27.44 -20.46 15.19
N ALA A 114 27.04 -21.69 15.58
CA ALA A 114 27.85 -22.58 16.41
C ALA A 114 28.95 -23.21 15.54
N CYS A 115 28.59 -23.56 14.28
CA CYS A 115 29.45 -24.12 13.23
C CYS A 115 30.53 -23.07 12.87
N ALA A 116 30.12 -21.81 12.72
CA ALA A 116 31.00 -20.70 12.40
C ALA A 116 31.97 -20.44 13.56
N LEU A 117 31.48 -20.43 14.81
CA LEU A 117 32.37 -20.23 15.96
C LEU A 117 33.30 -21.43 16.23
N ARG A 118 32.93 -22.61 15.74
CA ARG A 118 33.73 -23.81 15.84
C ARG A 118 34.89 -23.66 14.84
N LYS A 119 34.61 -23.24 13.60
CA LYS A 119 35.61 -23.04 12.56
C LYS A 119 36.50 -21.81 12.84
N LYS A 120 35.96 -20.80 13.57
CA LYS A 120 36.71 -19.60 13.94
C LYS A 120 37.74 -19.94 15.02
N ALA A 121 37.34 -20.76 16.00
CA ALA A 121 38.22 -21.20 17.10
C ALA A 121 39.30 -22.18 16.61
N THR A 122 38.98 -22.97 15.57
CA THR A 122 39.93 -23.91 14.99
C THR A 122 41.03 -23.19 14.20
N VAL A 123 40.70 -22.04 13.59
CA VAL A 123 41.67 -21.28 12.82
C VAL A 123 42.48 -20.35 13.71
N PHE A 124 41.80 -19.54 14.54
CA PHE A 124 42.47 -18.58 15.42
C PHE A 124 43.09 -19.20 16.69
N ARG A 125 43.23 -20.54 16.71
CA ARG A 125 43.80 -21.29 17.83
C ARG A 125 43.21 -20.90 19.19
N GLN A 126 41.88 -20.88 19.29
CA GLN A 126 41.20 -20.53 20.54
C GLN A 126 41.22 -21.69 21.54
N GLN A 131 30.22 -18.80 22.31
CA GLN A 131 28.77 -18.76 22.56
C GLN A 131 27.97 -18.14 21.40
N PRO A 132 27.17 -18.95 20.69
CA PRO A 132 26.43 -18.44 19.52
C PRO A 132 25.17 -17.59 19.81
N GLU A 133 24.73 -17.54 21.07
CA GLU A 133 23.55 -16.77 21.49
C GLU A 133 23.75 -15.26 21.50
N GLU A 134 25.01 -14.81 21.54
CA GLU A 134 25.32 -13.38 21.49
C GLU A 134 25.60 -12.89 20.06
N TYR A 135 25.11 -13.60 19.03
CA TYR A 135 25.34 -13.23 17.65
C TYR A 135 24.06 -13.28 16.78
N ALA A 136 24.07 -12.54 15.68
CA ALA A 136 23.00 -12.55 14.70
C ALA A 136 23.63 -12.68 13.30
N LEU A 137 22.92 -13.33 12.35
CA LEU A 137 23.45 -13.49 10.99
C LEU A 137 22.94 -12.43 9.99
N GLN A 138 23.81 -11.53 9.51
CA GLN A 138 23.41 -10.53 8.51
C GLN A 138 23.59 -11.07 7.09
N VAL A 139 22.61 -10.86 6.20
CA VAL A 139 22.74 -11.19 4.79
C VAL A 139 23.73 -10.15 4.22
N ASN A 140 24.78 -10.60 3.54
CA ASN A 140 25.83 -9.69 3.05
C ASN A 140 25.31 -8.61 2.14
N GLY A 141 25.68 -7.36 2.45
CA GLY A 141 25.30 -6.18 1.69
C GLY A 141 23.84 -5.75 1.77
N ARG A 142 23.07 -6.34 2.68
CA ARG A 142 21.66 -5.99 2.88
C ARG A 142 21.38 -5.74 4.36
N HIS A 143 20.34 -4.95 4.66
CA HIS A 143 19.90 -4.74 6.04
C HIS A 143 18.88 -5.85 6.33
N GLU A 144 19.30 -7.09 6.13
CA GLU A 144 18.45 -8.25 6.35
C GLU A 144 19.16 -9.18 7.31
N TYR A 145 18.45 -9.72 8.30
CA TYR A 145 19.09 -10.59 9.29
C TYR A 145 18.37 -11.92 9.41
N LEU A 146 19.07 -12.93 9.94
CA LEU A 146 18.58 -14.27 10.15
C LEU A 146 18.83 -14.61 11.58
N TYR A 147 17.77 -14.66 12.35
CA TYR A 147 17.80 -14.95 13.79
C TYR A 147 16.45 -15.54 14.17
N GLY A 148 16.40 -16.19 15.31
CA GLY A 148 15.16 -16.76 15.80
C GLY A 148 15.11 -18.27 15.73
N ASN A 149 14.00 -18.83 16.22
CA ASN A 149 13.82 -20.27 16.24
C ASN A 149 12.97 -20.56 15.03
N TYR A 150 13.59 -20.54 13.85
CA TYR A 150 12.96 -20.79 12.56
C TYR A 150 13.94 -21.54 11.69
N PRO A 151 13.59 -22.71 11.18
CA PRO A 151 14.51 -23.43 10.28
C PRO A 151 14.91 -22.58 9.07
N LEU A 152 16.19 -22.68 8.61
CA LEU A 152 16.71 -21.89 7.49
C LEU A 152 15.80 -21.87 6.26
N CYS A 153 15.17 -23.01 5.91
CA CYS A 153 14.25 -23.14 4.79
C CYS A 153 13.12 -22.10 4.80
N HIS A 154 12.65 -21.68 6.00
CA HIS A 154 11.56 -20.73 6.14
C HIS A 154 11.96 -19.23 6.05
N PHE A 155 13.27 -18.91 6.04
CA PHE A 155 13.70 -17.51 5.88
C PHE A 155 13.67 -17.23 4.41
N GLN A 156 12.91 -16.24 3.95
CA GLN A 156 12.81 -15.87 2.53
C GLN A 156 14.14 -15.88 1.76
N TYR A 157 15.23 -15.45 2.40
CA TYR A 157 16.55 -15.41 1.77
C TYR A 157 17.09 -16.81 1.46
N ILE A 158 16.97 -17.73 2.42
CA ILE A 158 17.42 -19.09 2.20
C ILE A 158 16.54 -19.75 1.15
N CYS A 159 15.22 -19.58 1.26
CA CYS A 159 14.28 -20.10 0.27
C CYS A 159 14.61 -19.63 -1.16
N SER A 160 14.87 -18.32 -1.34
CA SER A 160 15.23 -17.73 -2.63
C SER A 160 16.57 -18.21 -3.14
N CYS A 161 17.51 -18.50 -2.23
CA CYS A 161 18.83 -19.00 -2.64
C CYS A 161 18.70 -20.44 -3.11
N LEU A 162 17.91 -21.26 -2.41
CA LEU A 162 17.67 -22.66 -2.77
C LEU A 162 17.06 -22.78 -4.18
N HIS A 163 16.07 -21.95 -4.51
CA HIS A 163 15.44 -21.99 -5.82
C HIS A 163 16.37 -21.45 -6.90
N SER A 164 17.13 -20.39 -6.61
CA SER A 164 18.07 -19.82 -7.59
C SER A 164 19.37 -20.64 -7.78
N GLY A 165 19.66 -21.54 -6.85
CA GLY A 165 20.87 -22.36 -6.87
C GLY A 165 22.04 -21.73 -6.15
N LEU A 166 21.99 -20.40 -5.94
CA LEU A 166 23.03 -19.60 -5.27
C LEU A 166 23.36 -20.03 -3.83
N THR A 167 24.60 -19.72 -3.41
CA THR A 167 25.12 -20.00 -2.08
C THR A 167 24.76 -18.84 -1.16
N PRO A 168 24.09 -19.11 -0.02
CA PRO A 168 23.80 -18.01 0.91
C PRO A 168 25.08 -17.45 1.52
N HIS A 169 25.23 -16.13 1.55
CA HIS A 169 26.42 -15.51 2.15
C HIS A 169 25.98 -14.70 3.35
N LEU A 170 26.48 -15.05 4.55
CA LEU A 170 26.10 -14.43 5.82
C LEU A 170 27.29 -13.86 6.60
N THR A 171 27.03 -12.93 7.53
CA THR A 171 28.08 -12.34 8.37
C THR A 171 27.65 -12.44 9.82
N MET A 172 28.57 -12.91 10.67
CA MET A 172 28.37 -13.08 12.10
C MET A 172 28.53 -11.76 12.81
N VAL A 173 27.42 -11.06 13.01
CA VAL A 173 27.42 -9.77 13.72
C VAL A 173 27.22 -10.01 15.21
N HIS A 174 28.10 -9.49 16.06
CA HIS A 174 28.01 -9.67 17.50
C HIS A 174 27.00 -8.72 18.15
N SER A 175 26.59 -9.01 19.40
CA SER A 175 25.64 -8.16 20.13
C SER A 175 26.21 -6.77 20.41
N SER A 176 27.53 -6.66 20.68
CA SER A 176 28.19 -5.38 20.92
C SER A 176 28.19 -4.48 19.66
N SER A 177 28.04 -5.06 18.45
CA SER A 177 27.98 -4.33 17.20
C SER A 177 26.55 -3.84 16.98
N ILE A 178 25.55 -4.70 17.22
CA ILE A 178 24.14 -4.34 17.09
C ILE A 178 23.77 -3.25 18.12
N LEU A 179 24.23 -3.39 19.38
CA LEU A 179 23.97 -2.38 20.43
C LEU A 179 24.64 -1.03 20.11
N ALA A 180 25.72 -1.03 19.31
CA ALA A 180 26.37 0.22 18.91
C ALA A 180 25.53 0.96 17.86
N MET A 181 24.71 0.24 17.06
CA MET A 181 23.80 0.87 16.09
C MET A 181 22.65 1.52 16.85
N ARG A 182 22.12 0.86 17.89
CA ARG A 182 21.06 1.44 18.73
C ARG A 182 21.61 2.70 19.41
N ASP A 183 22.86 2.67 19.88
CA ASP A 183 23.53 3.80 20.51
C ASP A 183 24.04 4.87 19.52
N GLU A 184 23.97 4.60 18.22
CA GLU A 184 24.32 5.56 17.19
C GLU A 184 23.07 6.23 16.59
N GLN A 185 21.87 5.63 16.79
CA GLN A 185 20.61 6.13 16.27
C GLN A 185 19.77 6.85 17.31
N SER A 186 20.43 7.51 18.29
CA SER A 186 19.77 8.24 19.39
C SER A 186 18.93 9.48 18.96
N ASN A 187 18.16 10.09 19.91
CA ASN A 187 17.26 11.25 19.74
C ASN A 187 15.99 10.87 18.96
N SER A 214 -30.17 18.22 23.01
CA SER A 214 -30.77 19.12 24.01
C SER A 214 -32.34 19.23 23.89
N LEU A 215 -32.85 20.02 22.92
CA LEU A 215 -34.31 20.12 22.74
C LEU A 215 -34.74 19.75 21.31
N GLU A 216 -36.05 19.49 21.13
CA GLU A 216 -36.66 19.06 19.87
C GLU A 216 -36.61 20.08 18.71
N GLN A 217 -35.86 21.21 18.85
CA GLN A 217 -35.75 22.22 17.80
C GLN A 217 -35.19 21.59 16.52
N PRO A 218 -35.97 21.65 15.43
CA PRO A 218 -35.50 21.03 14.17
C PRO A 218 -34.28 21.74 13.56
N PHE A 219 -33.30 20.96 13.08
CA PHE A 219 -32.08 21.50 12.49
C PHE A 219 -32.36 22.37 11.29
N SER A 220 -31.72 23.53 11.27
CA SER A 220 -31.87 24.51 10.21
C SER A 220 -30.61 25.34 10.06
N ILE A 221 -30.33 25.74 8.82
CA ILE A 221 -29.17 26.58 8.54
C ILE A 221 -29.64 27.85 7.87
N GLU A 222 -28.81 28.91 7.96
CA GLU A 222 -29.08 30.15 7.27
C GLU A 222 -27.96 30.25 6.22
N LEU A 223 -28.35 30.29 4.95
CA LEU A 223 -27.48 30.41 3.79
C LEU A 223 -27.39 31.92 3.43
N ILE A 224 -26.34 32.59 3.95
CA ILE A 224 -26.08 34.02 3.75
C ILE A 224 -25.77 34.35 2.29
N ARG A 227 -17.11 35.44 -1.32
CA ARG A 227 -17.68 34.48 -2.26
C ARG A 227 -17.30 34.81 -3.71
N LYS A 228 -16.68 33.86 -4.42
CA LYS A 228 -16.25 34.11 -5.80
C LYS A 228 -16.75 33.02 -6.74
N VAL A 229 -18.05 33.09 -7.08
CA VAL A 229 -18.71 32.10 -7.93
C VAL A 229 -18.49 32.38 -9.43
N ASN A 230 -18.20 31.34 -10.22
CA ASN A 230 -17.97 31.47 -11.66
C ASN A 230 -18.89 30.54 -12.42
N ALA A 231 -19.94 31.08 -13.03
CA ALA A 231 -20.88 30.27 -13.80
C ALA A 231 -21.64 31.15 -14.84
N ASP A 232 -22.47 30.54 -15.74
CA ASP A 232 -23.26 31.25 -16.75
C ASP A 232 -24.14 32.29 -16.10
N GLU A 233 -23.90 33.55 -16.42
CA GLU A 233 -24.66 34.65 -15.85
C GLU A 233 -26.14 34.64 -16.26
N ARG A 234 -26.48 33.95 -17.37
CA ARG A 234 -27.87 33.89 -17.84
C ARG A 234 -28.74 32.96 -16.95
N MET A 235 -28.14 31.86 -16.47
CA MET A 235 -28.86 30.95 -15.57
C MET A 235 -28.75 31.43 -14.09
N LYS A 236 -29.29 30.63 -13.12
CA LYS A 236 -29.26 31.05 -11.71
C LYS A 236 -28.56 30.03 -10.82
N LEU A 237 -27.93 30.49 -9.72
CA LEU A 237 -27.20 29.61 -8.81
C LEU A 237 -28.12 29.04 -7.74
N VAL A 238 -27.99 27.72 -7.46
CA VAL A 238 -28.79 27.03 -6.46
C VAL A 238 -27.90 26.18 -5.58
N VAL A 239 -28.14 26.18 -4.28
CA VAL A 239 -27.37 25.38 -3.33
C VAL A 239 -28.21 24.24 -2.77
N GLN A 240 -27.74 22.99 -2.91
CA GLN A 240 -28.47 21.85 -2.37
C GLN A 240 -27.73 21.37 -1.14
N ALA A 241 -28.42 21.28 0.01
CA ALA A 241 -27.79 20.83 1.24
C ALA A 241 -28.35 19.48 1.71
N GLY A 242 -27.47 18.62 2.19
CA GLY A 242 -27.87 17.31 2.68
C GLY A 242 -27.23 16.95 3.99
N LEU A 243 -27.97 16.33 4.89
CA LEU A 243 -27.45 15.88 6.19
C LEU A 243 -27.04 14.44 6.00
N PHE A 244 -25.80 14.09 6.34
CA PHE A 244 -25.31 12.72 6.13
C PHE A 244 -24.60 12.11 7.32
N HIS A 245 -24.80 10.80 7.54
CA HIS A 245 -24.05 10.04 8.54
C HIS A 245 -23.36 8.94 7.73
N GLY A 246 -22.22 9.29 7.16
CA GLY A 246 -21.48 8.37 6.29
C GLY A 246 -22.13 8.38 4.93
N ASN A 247 -22.60 7.22 4.48
CA ASN A 247 -23.29 7.13 3.20
C ASN A 247 -24.76 7.51 3.33
N GLU A 248 -25.39 7.10 4.44
CA GLU A 248 -26.79 7.30 4.75
C GLU A 248 -27.23 8.76 4.92
N MET A 249 -28.27 9.15 4.20
CA MET A 249 -28.84 10.49 4.27
C MET A 249 -29.71 10.53 5.54
N LEU A 250 -29.46 11.48 6.44
CA LEU A 250 -30.22 11.57 7.69
C LEU A 250 -31.64 12.08 7.49
N CYS A 251 -31.88 12.92 6.47
CA CYS A 251 -33.24 13.38 6.21
C CYS A 251 -33.57 13.48 4.70
N LYS A 252 -33.27 14.60 4.03
CA LYS A 252 -33.60 14.78 2.62
C LYS A 252 -32.93 16.03 2.11
N THR A 253 -32.38 15.97 0.90
CA THR A 253 -31.68 17.07 0.25
C THR A 253 -32.54 18.34 0.12
N VAL A 254 -32.40 19.26 1.09
CA VAL A 254 -33.14 20.51 1.09
C VAL A 254 -32.38 21.48 0.20
N SER A 255 -32.80 21.64 -1.05
CA SER A 255 -32.13 22.56 -1.97
C SER A 255 -32.49 24.06 -1.69
N SER A 256 -32.06 24.99 -2.55
CA SER A 256 -32.31 26.43 -2.36
C SER A 256 -33.17 27.04 -3.48
N SER A 257 -33.48 28.35 -3.36
CA SER A 257 -34.23 29.13 -4.34
C SER A 257 -33.31 29.45 -5.52
N GLU A 258 -33.76 29.19 -6.77
CA GLU A 258 -33.02 29.41 -8.00
C GLU A 258 -32.46 30.83 -8.12
N CYS A 262 -25.08 35.28 -10.87
CA CYS A 262 -24.07 36.28 -10.54
C CYS A 262 -22.75 35.63 -10.01
N SER A 263 -21.71 36.46 -9.80
CA SER A 263 -20.43 36.05 -9.24
C SER A 263 -20.44 36.15 -7.70
N GLU A 264 -21.30 36.98 -7.12
CA GLU A 264 -21.43 37.13 -5.67
C GLU A 264 -22.86 36.86 -5.24
N PRO A 265 -23.10 35.74 -4.54
CA PRO A 265 -24.46 35.42 -4.10
C PRO A 265 -24.85 36.15 -2.81
N ASP A 274 -35.94 18.18 8.12
CA ASP A 274 -36.70 17.20 8.88
C ASP A 274 -35.83 16.26 9.74
N ILE A 275 -35.28 16.81 10.84
CA ILE A 275 -34.44 16.13 11.85
C ILE A 275 -34.34 17.07 13.08
N SER A 276 -34.33 16.50 14.30
CA SER A 276 -34.21 17.33 15.50
C SER A 276 -32.73 17.54 15.87
N VAL A 277 -32.43 18.62 16.61
CA VAL A 277 -31.04 18.87 17.04
C VAL A 277 -30.57 17.77 18.03
N CYS A 278 -31.53 17.27 18.88
CA CYS A 278 -31.30 16.20 19.86
C CYS A 278 -31.01 14.83 19.19
N ASP A 279 -31.34 14.66 17.89
CA ASP A 279 -31.11 13.40 17.17
C ASP A 279 -29.92 13.40 16.21
N LEU A 280 -29.24 14.54 16.07
CA LEU A 280 -28.07 14.67 15.22
C LEU A 280 -26.96 13.78 15.79
N PRO A 281 -26.50 12.76 15.03
CA PRO A 281 -25.46 11.85 15.56
C PRO A 281 -24.10 12.52 15.69
N ARG A 282 -23.22 11.94 16.51
CA ARG A 282 -21.90 12.52 16.80
C ARG A 282 -21.12 12.91 15.54
N MET A 283 -21.11 12.05 14.54
CA MET A 283 -20.35 12.27 13.31
C MET A 283 -21.22 12.73 12.12
N ALA A 284 -22.18 13.64 12.38
CA ALA A 284 -23.03 14.16 11.31
C ALA A 284 -22.29 15.17 10.42
N ARG A 285 -22.49 15.06 9.09
CA ARG A 285 -21.89 15.93 8.09
C ARG A 285 -22.95 16.78 7.39
N LEU A 286 -22.74 18.11 7.31
CA LEU A 286 -23.62 18.97 6.52
C LEU A 286 -22.91 19.09 5.19
N CYS A 287 -23.53 18.62 4.09
CA CYS A 287 -22.91 18.60 2.77
C CYS A 287 -23.58 19.55 1.79
N PHE A 288 -22.81 20.44 1.17
CA PHE A 288 -23.31 21.44 0.25
C PHE A 288 -22.89 21.26 -1.21
N ALA A 289 -23.77 21.70 -2.14
CA ALA A 289 -23.51 21.62 -3.58
C ALA A 289 -24.01 22.87 -4.34
N LEU A 290 -23.05 23.63 -4.92
CA LEU A 290 -23.35 24.82 -5.71
C LEU A 290 -23.43 24.46 -7.18
N TYR A 291 -24.65 24.43 -7.72
CA TYR A 291 -24.89 24.08 -9.13
C TYR A 291 -25.38 25.32 -9.90
N ALA A 292 -25.75 25.17 -11.19
CA ALA A 292 -26.36 26.26 -11.96
C ALA A 292 -27.59 25.68 -12.67
N VAL A 293 -28.69 26.46 -12.74
CA VAL A 293 -29.92 25.98 -13.34
C VAL A 293 -30.59 27.07 -14.18
N ASP A 311 -28.15 20.69 -16.02
CA ASP A 311 -27.54 20.58 -14.70
C ASP A 311 -26.03 20.61 -14.78
N CYS A 312 -25.41 21.78 -14.56
CA CYS A 312 -23.95 21.90 -14.60
C CYS A 312 -23.40 22.20 -13.20
N PRO A 313 -22.62 21.30 -12.60
CA PRO A 313 -22.08 21.58 -11.27
C PRO A 313 -20.89 22.53 -11.29
N ILE A 314 -20.69 23.23 -10.18
CA ILE A 314 -19.63 24.21 -10.04
C ILE A 314 -18.67 23.84 -8.90
N ALA A 315 -19.19 23.64 -7.68
CA ALA A 315 -18.36 23.35 -6.52
C ALA A 315 -19.10 22.54 -5.43
N TRP A 316 -18.36 21.94 -4.48
CA TRP A 316 -18.93 21.23 -3.33
C TRP A 316 -18.18 21.64 -2.04
N ALA A 317 -18.78 21.41 -0.88
CA ALA A 317 -18.14 21.71 0.41
C ALA A 317 -18.85 20.94 1.51
N ASN A 318 -18.10 20.27 2.41
CA ASN A 318 -18.66 19.52 3.54
C ASN A 318 -18.10 20.05 4.86
N LEU A 319 -18.82 19.86 5.96
CA LEU A 319 -18.31 20.18 7.29
C LEU A 319 -19.02 19.36 8.41
N MET A 320 -18.32 19.11 9.53
CA MET A 320 -18.89 18.40 10.66
C MET A 320 -19.68 19.39 11.52
N LEU A 321 -20.89 19.02 11.98
CA LEU A 321 -21.69 19.90 12.82
C LEU A 321 -21.09 20.03 14.21
N PHE A 322 -20.56 18.95 14.75
CA PHE A 322 -19.85 19.00 16.03
C PHE A 322 -18.35 19.14 15.75
N ASP A 323 -17.68 19.97 16.53
CA ASP A 323 -16.26 20.25 16.44
C ASP A 323 -15.40 19.14 17.05
N TYR A 324 -14.06 19.22 16.87
CA TYR A 324 -13.14 18.23 17.42
C TYR A 324 -13.22 18.10 18.95
N LYS A 325 -13.79 19.10 19.62
CA LYS A 325 -13.94 19.08 21.06
C LYS A 325 -15.38 18.69 21.47
N ASP A 326 -16.09 17.92 20.63
CA ASP A 326 -17.46 17.42 20.84
C ASP A 326 -18.55 18.51 20.98
N GLN A 327 -18.18 19.79 20.96
CA GLN A 327 -19.16 20.88 21.05
C GLN A 327 -19.87 21.08 19.73
N LEU A 328 -21.14 21.49 19.79
CA LEU A 328 -21.90 21.78 18.59
C LEU A 328 -21.38 23.12 18.05
N LYS A 329 -21.04 23.17 16.77
CA LYS A 329 -20.50 24.40 16.17
C LYS A 329 -21.58 25.47 16.06
N THR A 330 -21.25 26.73 16.33
CA THR A 330 -22.24 27.84 16.27
C THR A 330 -21.63 29.10 15.63
N GLY A 331 -22.50 29.96 15.11
CA GLY A 331 -22.07 31.19 14.47
C GLY A 331 -21.75 31.02 12.99
N GLU A 332 -21.25 32.11 12.34
CA GLU A 332 -20.92 32.09 10.91
C GLU A 332 -19.76 31.16 10.59
N ARG A 333 -19.71 30.68 9.33
CA ARG A 333 -18.64 29.84 8.77
C ARG A 333 -18.41 30.25 7.33
N CYS A 334 -17.15 30.32 6.90
CA CYS A 334 -16.85 30.60 5.49
C CYS A 334 -16.39 29.29 4.93
N LEU A 335 -17.16 28.72 4.01
CA LEU A 335 -16.80 27.43 3.44
C LEU A 335 -16.10 27.57 2.10
N TYR A 336 -14.76 27.38 2.11
CA TYR A 336 -13.99 27.46 0.87
C TYR A 336 -14.23 26.18 0.10
N MET A 337 -14.88 26.31 -1.05
CA MET A 337 -15.36 25.19 -1.85
C MET A 337 -14.37 24.61 -2.84
N TRP A 338 -14.50 23.29 -3.06
CA TRP A 338 -13.69 22.51 -3.98
C TRP A 338 -14.39 22.43 -5.32
N PRO A 339 -13.65 22.57 -6.41
CA PRO A 339 -14.29 22.58 -7.73
C PRO A 339 -14.65 21.20 -8.29
N SER A 340 -15.81 21.11 -8.95
CA SER A 340 -16.30 19.86 -9.55
C SER A 340 -16.05 19.92 -11.06
N LEU A 348 -24.93 15.83 -7.45
CA LEU A 348 -24.06 16.97 -7.19
C LEU A 348 -23.31 16.82 -5.84
N LEU A 349 -23.97 16.16 -4.86
CA LEU A 349 -23.47 15.98 -3.50
C LEU A 349 -22.35 14.99 -3.36
N ASN A 350 -21.32 15.39 -2.60
CA ASN A 350 -20.14 14.58 -2.36
C ASN A 350 -19.96 14.28 -0.85
N PRO A 351 -20.73 13.34 -0.28
CA PRO A 351 -20.62 13.08 1.17
C PRO A 351 -19.24 12.65 1.62
N ALA A 352 -18.61 11.74 0.85
CA ALA A 352 -17.30 11.17 1.15
C ALA A 352 -16.16 12.19 1.17
N GLY A 353 -16.30 13.28 0.40
CA GLY A 353 -15.32 14.34 0.34
C GLY A 353 -14.93 14.91 1.69
N THR A 354 -13.69 15.39 1.84
CA THR A 354 -13.20 15.89 3.12
C THR A 354 -14.08 16.98 3.72
N VAL A 355 -14.11 17.02 5.03
CA VAL A 355 -14.85 18.00 5.81
C VAL A 355 -14.01 19.23 6.16
N ARG A 356 -12.95 19.49 5.40
CA ARG A 356 -12.06 20.64 5.58
C ARG A 356 -12.13 21.49 4.31
N GLY A 357 -12.03 22.81 4.47
CA GLY A 357 -12.11 23.72 3.34
C GLY A 357 -10.91 23.69 2.40
N ASN A 358 -11.13 24.17 1.15
CA ASN A 358 -10.11 24.31 0.11
C ASN A 358 -9.04 25.28 0.63
N PRO A 359 -7.76 24.88 0.55
CA PRO A 359 -6.69 25.73 1.08
C PRO A 359 -6.39 26.96 0.25
N ASN A 360 -6.78 26.94 -1.03
CA ASN A 360 -6.61 28.04 -1.96
C ASN A 360 -7.69 29.09 -1.63
N THR A 361 -7.53 29.78 -0.50
CA THR A 361 -8.49 30.77 -0.05
C THR A 361 -8.36 32.07 -0.83
N GLU A 362 -7.92 32.01 -2.11
CA GLU A 362 -7.77 33.17 -2.98
C GLU A 362 -8.71 33.04 -4.18
N SER A 363 -8.58 31.97 -4.97
CA SER A 363 -9.41 31.79 -6.16
C SER A 363 -10.67 30.96 -5.94
N ALA A 364 -10.70 30.05 -4.95
CA ALA A 364 -11.88 29.21 -4.70
C ALA A 364 -13.17 29.97 -4.34
N ALA A 365 -14.29 29.43 -4.82
CA ALA A 365 -15.62 29.92 -4.54
C ALA A 365 -15.93 29.65 -3.08
N ALA A 366 -16.56 30.61 -2.37
CA ALA A 366 -16.87 30.41 -0.96
C ALA A 366 -18.37 30.49 -0.67
N LEU A 367 -18.82 29.72 0.32
CA LEU A 367 -20.21 29.70 0.74
C LEU A 367 -20.27 30.31 2.13
N VAL A 368 -21.17 31.26 2.34
CA VAL A 368 -21.32 31.91 3.63
C VAL A 368 -22.54 31.35 4.35
N ILE A 369 -22.33 30.60 5.44
CA ILE A 369 -23.44 30.00 6.20
C ILE A 369 -23.40 30.42 7.68
N TYR A 370 -24.54 30.26 8.40
CA TYR A 370 -24.59 30.55 9.83
C TYR A 370 -25.18 29.37 10.61
N LEU A 371 -24.57 29.02 11.75
CA LEU A 371 -25.07 27.95 12.62
C LEU A 371 -25.79 28.56 13.80
N PRO A 372 -27.12 28.45 13.86
CA PRO A 372 -27.87 29.05 15.00
C PRO A 372 -27.41 28.58 16.38
N GLU A 373 -27.67 29.42 17.40
CA GLU A 373 -27.26 29.15 18.77
C GLU A 373 -28.26 28.28 19.52
N VAL A 374 -27.87 27.00 19.75
CA VAL A 374 -28.68 26.01 20.46
C VAL A 374 -28.93 26.41 21.93
N ALA A 375 -27.95 27.07 22.56
CA ALA A 375 -28.06 27.52 23.93
C ALA A 375 -27.19 28.77 24.14
N PRO A 378 -23.30 26.59 25.50
CA PRO A 378 -22.70 25.52 24.67
C PRO A 378 -23.38 24.17 24.88
N VAL A 379 -23.26 23.30 23.88
CA VAL A 379 -23.86 21.96 23.96
C VAL A 379 -22.84 20.94 23.46
N TYR A 380 -22.29 20.14 24.38
CA TYR A 380 -21.28 19.14 24.10
C TYR A 380 -21.89 17.75 24.01
N PHE A 381 -21.71 17.05 22.88
CA PHE A 381 -22.25 15.69 22.67
C PHE A 381 -22.11 14.76 23.88
N PRO A 382 -23.24 14.18 24.35
CA PRO A 382 -23.21 13.32 25.53
C PRO A 382 -22.01 12.38 25.71
N ALA A 383 -21.54 12.24 26.94
CA ALA A 383 -20.42 11.35 27.27
C ALA A 383 -20.86 9.88 27.26
N LEU A 384 -19.90 8.94 27.18
CA LEU A 384 -20.20 7.50 27.15
C LEU A 384 -20.96 7.04 28.39
N GLU A 385 -20.68 7.62 29.57
CA GLU A 385 -21.37 7.25 30.81
C GLU A 385 -22.86 7.60 30.73
N LYS A 386 -23.19 8.77 30.16
CA LYS A 386 -24.58 9.17 30.01
C LYS A 386 -25.25 8.46 28.83
N ILE A 387 -24.47 8.12 27.78
CA ILE A 387 -24.92 7.42 26.57
C ILE A 387 -25.32 5.99 26.88
N LEU A 388 -24.50 5.28 27.67
CA LEU A 388 -24.80 3.90 28.05
C LEU A 388 -25.97 3.79 29.05
N GLU A 389 -26.33 4.90 29.72
CA GLU A 389 -27.49 4.91 30.60
C GLU A 389 -28.73 4.86 29.70
N LEU A 390 -28.89 5.87 28.81
CA LEU A 390 -30.00 5.96 27.85
C LEU A 390 -30.16 4.67 27.02
N LEU A 419 -31.22 -6.45 2.35
CA LEU A 419 -32.25 -6.77 3.33
C LEU A 419 -33.49 -5.90 3.12
N TYR A 420 -34.69 -6.50 3.15
CA TYR A 420 -35.95 -5.76 2.98
C TYR A 420 -36.30 -4.90 4.22
N GLU A 421 -37.36 -4.07 4.13
CA GLU A 421 -37.76 -3.20 5.23
C GLU A 421 -38.11 -4.01 6.48
N HIS A 422 -38.96 -5.04 6.32
CA HIS A 422 -39.37 -5.90 7.44
C HIS A 422 -38.22 -6.78 7.95
N GLU A 423 -37.25 -7.12 7.09
CA GLU A 423 -36.10 -7.91 7.49
C GLU A 423 -35.18 -7.11 8.39
N LYS A 424 -35.04 -5.80 8.13
CA LYS A 424 -34.22 -4.90 8.95
C LYS A 424 -34.84 -4.71 10.34
N ASP A 425 -36.18 -4.72 10.43
CA ASP A 425 -36.86 -4.58 11.71
C ASP A 425 -36.74 -5.87 12.58
N LEU A 426 -36.46 -7.03 11.95
CA LEU A 426 -36.25 -8.28 12.69
C LEU A 426 -34.80 -8.37 13.19
N VAL A 427 -33.84 -7.84 12.41
CA VAL A 427 -32.42 -7.78 12.80
C VAL A 427 -32.26 -6.85 14.00
N TRP A 428 -33.02 -5.74 14.02
CA TRP A 428 -32.98 -4.78 15.11
C TRP A 428 -33.72 -5.28 16.36
N LYS A 429 -34.78 -6.09 16.19
CA LYS A 429 -35.52 -6.62 17.33
C LYS A 429 -34.63 -7.62 18.08
N MET A 430 -34.04 -8.57 17.37
CA MET A 430 -33.17 -9.56 17.99
C MET A 430 -31.73 -9.06 17.94
N ARG A 431 -31.52 -7.78 18.27
CA ARG A 431 -30.21 -7.13 18.28
C ARG A 431 -29.30 -7.73 19.35
N HIS A 432 -29.87 -8.08 20.52
CA HIS A 432 -29.10 -8.69 21.61
C HIS A 432 -28.76 -10.15 21.27
N GLU A 433 -29.69 -10.84 20.60
CA GLU A 433 -29.45 -12.21 20.14
C GLU A 433 -28.31 -12.22 19.10
N VAL A 434 -28.17 -11.12 18.30
CA VAL A 434 -27.12 -10.96 17.30
C VAL A 434 -25.76 -10.79 17.96
N GLN A 435 -25.68 -10.10 19.09
CA GLN A 435 -24.43 -9.94 19.83
C GLN A 435 -24.01 -11.26 20.50
N GLU A 436 -24.98 -11.93 21.15
CA GLU A 436 -24.72 -13.14 21.90
C GLU A 436 -24.69 -14.43 21.08
N HIS A 437 -24.99 -14.39 19.76
CA HIS A 437 -25.01 -15.64 18.98
C HIS A 437 -24.47 -15.49 17.56
N PHE A 438 -24.41 -14.27 17.03
CA PHE A 438 -23.82 -14.03 15.72
C PHE A 438 -22.96 -12.76 15.81
N PRO A 439 -21.92 -12.72 16.70
CA PRO A 439 -21.15 -11.48 16.87
C PRO A 439 -20.54 -10.89 15.60
N GLU A 440 -20.20 -11.74 14.63
CA GLU A 440 -19.62 -11.30 13.36
C GLU A 440 -20.63 -10.59 12.46
N ALA A 441 -21.95 -10.69 12.76
CA ALA A 441 -22.97 -9.99 12.00
C ALA A 441 -23.14 -8.52 12.43
N LEU A 442 -22.21 -7.98 13.26
CA LEU A 442 -22.16 -6.61 13.73
C LEU A 442 -22.42 -5.55 12.65
N ALA A 443 -21.72 -5.63 11.52
CA ALA A 443 -21.92 -4.66 10.43
C ALA A 443 -23.33 -4.74 9.83
N ARG A 444 -23.98 -5.90 9.89
CA ARG A 444 -25.33 -6.05 9.36
C ARG A 444 -26.34 -5.32 10.24
N LEU A 445 -26.13 -5.30 11.58
CA LEU A 445 -27.01 -4.60 12.53
C LEU A 445 -26.67 -3.13 12.59
N LEU A 446 -25.37 -2.79 12.53
CA LEU A 446 -24.92 -1.39 12.52
C LEU A 446 -25.45 -0.65 11.28
N LEU A 447 -25.52 -1.35 10.13
CA LEU A 447 -26.05 -0.77 8.89
C LEU A 447 -27.59 -0.68 8.85
N VAL A 448 -28.30 -1.32 9.81
CA VAL A 448 -29.76 -1.27 9.93
C VAL A 448 -30.21 -0.27 11.02
N THR A 449 -29.30 0.14 11.92
CA THR A 449 -29.59 1.10 13.00
C THR A 449 -30.09 2.40 12.43
N LYS A 450 -31.09 2.99 13.10
CA LYS A 450 -31.67 4.27 12.71
C LYS A 450 -30.74 5.35 13.26
N TRP A 451 -29.71 5.73 12.48
CA TRP A 451 -28.71 6.72 12.86
C TRP A 451 -29.26 8.14 13.05
N ASN A 452 -30.52 8.39 12.66
CA ASN A 452 -31.13 9.70 12.88
C ASN A 452 -32.07 9.71 14.11
N LYS A 453 -31.88 8.74 15.02
CA LYS A 453 -32.68 8.60 16.22
C LYS A 453 -31.75 8.29 17.38
N HIS A 454 -31.42 9.30 18.20
CA HIS A 454 -30.48 9.15 19.32
C HIS A 454 -30.86 8.00 20.26
N GLU A 455 -32.17 7.74 20.40
CA GLU A 455 -32.70 6.68 21.24
C GLU A 455 -32.21 5.30 20.77
N ASP A 456 -32.21 5.05 19.46
CA ASP A 456 -31.74 3.78 18.91
C ASP A 456 -30.21 3.72 18.85
N VAL A 457 -29.54 4.85 18.62
CA VAL A 457 -28.08 4.93 18.57
C VAL A 457 -27.46 4.62 19.95
N ALA A 458 -28.07 5.08 21.04
CA ALA A 458 -27.59 4.80 22.41
C ALA A 458 -27.78 3.32 22.73
N GLN A 459 -28.92 2.75 22.32
CA GLN A 459 -29.17 1.33 22.53
C GLN A 459 -28.17 0.50 21.73
N MET A 460 -27.86 0.90 20.48
CA MET A 460 -26.89 0.20 19.62
C MET A 460 -25.44 0.36 20.11
N LEU A 461 -25.05 1.56 20.56
CA LEU A 461 -23.69 1.78 21.07
C LEU A 461 -23.46 1.01 22.39
N TYR A 462 -24.53 0.79 23.18
CA TYR A 462 -24.48 0.01 24.42
C TYR A 462 -24.12 -1.43 24.11
N LEU A 463 -24.67 -1.98 23.01
CA LEU A 463 -24.37 -3.33 22.54
C LEU A 463 -22.91 -3.43 22.11
N LEU A 464 -22.39 -2.42 21.38
CA LEU A 464 -21.01 -2.38 20.89
C LEU A 464 -19.98 -2.28 22.01
N CYS A 465 -20.37 -1.71 23.16
CA CYS A 465 -19.45 -1.59 24.30
C CYS A 465 -19.19 -2.94 24.99
N SER A 466 -20.10 -3.91 24.86
CA SER A 466 -19.88 -5.26 25.39
C SER A 466 -19.70 -6.31 24.26
N TRP A 467 -19.52 -5.86 23.00
CA TRP A 467 -19.37 -6.74 21.84
C TRP A 467 -18.00 -7.36 21.85
N PRO A 468 -17.93 -8.69 21.71
CA PRO A 468 -16.61 -9.34 21.67
C PRO A 468 -15.81 -8.96 20.44
N GLU A 469 -14.49 -9.11 20.51
CA GLU A 469 -13.62 -8.81 19.41
C GLU A 469 -13.95 -9.64 18.17
N LEU A 470 -13.68 -9.05 17.00
CA LEU A 470 -13.95 -9.65 15.69
C LEU A 470 -12.66 -9.98 14.94
N PRO A 471 -12.68 -11.03 14.12
CA PRO A 471 -11.49 -11.34 13.31
C PRO A 471 -11.11 -10.17 12.37
N VAL A 472 -9.81 -10.04 12.01
CA VAL A 472 -9.32 -8.96 11.16
C VAL A 472 -10.17 -8.75 9.91
N LEU A 473 -10.66 -9.84 9.28
CA LEU A 473 -11.51 -9.74 8.10
C LEU A 473 -12.80 -8.95 8.39
N SER A 474 -13.39 -9.12 9.58
CA SER A 474 -14.57 -8.37 10.01
C SER A 474 -14.21 -6.90 10.36
N ALA A 475 -13.02 -6.67 10.96
CA ALA A 475 -12.50 -5.35 11.34
C ALA A 475 -12.19 -4.49 10.15
N LEU A 476 -11.61 -5.06 9.07
CA LEU A 476 -11.29 -4.35 7.82
C LEU A 476 -12.56 -3.86 7.11
N GLU A 477 -13.69 -4.58 7.32
CA GLU A 477 -15.00 -4.20 6.77
C GLU A 477 -15.54 -2.98 7.54
N LEU A 478 -15.40 -2.99 8.87
CA LEU A 478 -15.85 -1.89 9.74
C LEU A 478 -15.11 -0.59 9.55
N LEU A 479 -13.95 -0.61 8.84
CA LEU A 479 -13.19 0.61 8.56
C LEU A 479 -13.70 1.38 7.33
N ASP A 480 -14.69 0.83 6.59
CA ASP A 480 -15.27 1.48 5.43
C ASP A 480 -16.01 2.78 5.79
N PHE A 481 -16.26 3.63 4.79
CA PHE A 481 -16.94 4.90 5.00
C PHE A 481 -18.39 4.71 5.50
N SER A 482 -18.99 3.54 5.20
CA SER A 482 -20.33 3.17 5.67
C SER A 482 -20.42 3.13 7.20
N PHE A 483 -19.30 3.22 7.94
CA PHE A 483 -19.32 3.16 9.40
C PHE A 483 -18.58 4.34 9.97
N PRO A 484 -19.17 5.53 9.89
CA PRO A 484 -18.47 6.72 10.37
C PRO A 484 -18.43 6.90 11.87
N ASP A 485 -19.22 6.14 12.66
CA ASP A 485 -19.20 6.34 14.12
C ASP A 485 -17.85 6.10 14.74
N CYS A 486 -17.40 7.02 15.62
CA CYS A 486 -16.09 6.91 16.25
C CYS A 486 -16.02 5.78 17.26
N TYR A 487 -17.16 5.40 17.89
CA TYR A 487 -17.16 4.27 18.82
C TYR A 487 -16.99 2.98 18.00
N VAL A 488 -17.82 2.79 16.95
CA VAL A 488 -17.70 1.64 16.05
C VAL A 488 -16.32 1.59 15.36
N GLY A 489 -15.72 2.77 15.12
CA GLY A 489 -14.40 2.92 14.53
C GLY A 489 -13.30 2.50 15.50
N SER A 490 -13.44 2.86 16.79
CA SER A 490 -12.50 2.48 17.85
C SER A 490 -12.54 0.96 18.06
N PHE A 491 -13.74 0.35 17.97
CA PHE A 491 -13.91 -1.09 18.08
C PHE A 491 -13.15 -1.79 16.94
N ALA A 492 -13.17 -1.19 15.72
CA ALA A 492 -12.47 -1.71 14.56
C ALA A 492 -10.96 -1.70 14.81
N ILE A 493 -10.37 -0.59 15.30
CA ILE A 493 -8.93 -0.56 15.59
C ILE A 493 -8.59 -1.51 16.79
N LYS A 494 -9.53 -1.69 17.74
CA LYS A 494 -9.36 -2.61 18.87
C LYS A 494 -9.27 -4.06 18.36
N SER A 495 -10.04 -4.41 17.33
CA SER A 495 -9.96 -5.77 16.74
C SER A 495 -8.74 -5.87 15.81
N LEU A 496 -8.35 -4.74 15.18
CA LEU A 496 -7.22 -4.61 14.27
C LEU A 496 -5.84 -4.72 14.92
N ARG A 497 -5.77 -4.72 16.26
CA ARG A 497 -4.49 -4.85 16.95
C ARG A 497 -3.96 -6.30 16.89
N LYS A 498 -4.85 -7.30 16.66
CA LYS A 498 -4.45 -8.71 16.47
C LYS A 498 -3.48 -8.82 15.28
N LEU A 499 -3.62 -7.92 14.27
CA LEU A 499 -2.82 -7.83 13.05
C LEU A 499 -1.35 -7.99 13.35
N THR A 500 -0.74 -8.95 12.69
CA THR A 500 0.68 -9.19 12.80
C THR A 500 1.36 -8.06 11.99
N ASP A 501 2.64 -7.75 12.27
CA ASP A 501 3.36 -6.74 11.48
C ASP A 501 3.40 -7.08 9.97
N ASP A 502 3.38 -8.39 9.61
CA ASP A 502 3.39 -8.77 8.20
C ASP A 502 2.01 -8.55 7.58
N GLU A 503 0.94 -8.86 8.33
CA GLU A 503 -0.41 -8.63 7.87
C GLU A 503 -0.74 -7.14 7.75
N LEU A 504 -0.26 -6.34 8.71
CA LEU A 504 -0.44 -4.90 8.71
C LEU A 504 0.27 -4.32 7.49
N PHE A 505 1.47 -4.82 7.15
CA PHE A 505 2.20 -4.38 5.98
C PHE A 505 1.40 -4.72 4.72
N GLN A 506 0.84 -5.93 4.68
CA GLN A 506 0.03 -6.38 3.56
C GLN A 506 -1.16 -5.42 3.28
N TYR A 507 -1.76 -4.79 4.32
CA TYR A 507 -2.89 -3.87 4.15
C TYR A 507 -2.55 -2.39 4.45
N LEU A 508 -1.29 -2.03 4.63
CA LEU A 508 -0.90 -0.66 4.94
C LEU A 508 -1.39 0.40 3.95
N LEU A 509 -1.41 0.09 2.66
CA LEU A 509 -1.89 1.01 1.63
C LEU A 509 -3.35 1.36 1.86
N GLN A 510 -4.17 0.37 2.19
CA GLN A 510 -5.60 0.60 2.44
C GLN A 510 -5.83 1.39 3.72
N LEU A 511 -5.06 1.10 4.78
CA LEU A 511 -5.22 1.86 6.03
C LEU A 511 -4.83 3.32 5.86
N VAL A 512 -3.95 3.64 4.90
CA VAL A 512 -3.59 5.02 4.63
C VAL A 512 -4.71 5.71 3.85
N GLN A 513 -5.37 5.01 2.90
CA GLN A 513 -6.44 5.64 2.13
C GLN A 513 -7.63 5.96 2.99
N VAL A 514 -7.93 5.10 3.98
CA VAL A 514 -8.99 5.26 4.96
C VAL A 514 -8.81 6.56 5.81
N LEU A 515 -7.56 7.03 6.02
CA LEU A 515 -7.35 8.30 6.73
C LEU A 515 -8.06 9.47 6.02
N LYS A 516 -8.28 9.38 4.70
CA LYS A 516 -9.03 10.38 3.94
C LYS A 516 -10.50 10.52 4.38
N TYR A 517 -11.13 9.43 4.83
CA TYR A 517 -12.50 9.42 5.33
C TYR A 517 -12.59 10.07 6.69
N GLU A 518 -11.51 9.98 7.52
CA GLU A 518 -11.43 10.50 8.88
C GLU A 518 -11.92 11.93 8.99
N SER A 519 -12.73 12.17 10.01
CA SER A 519 -13.41 13.44 10.19
C SER A 519 -12.65 14.47 11.01
N TYR A 520 -11.68 14.03 11.83
CA TYR A 520 -10.86 14.92 12.66
C TYR A 520 -9.37 14.52 12.55
N LEU A 521 -8.43 15.44 12.86
CA LEU A 521 -7.01 15.11 12.74
C LEU A 521 -6.51 14.07 13.75
N ASP A 522 -6.77 14.27 15.05
CA ASP A 522 -6.35 13.32 16.09
C ASP A 522 -7.37 12.18 16.05
N CYS A 523 -6.93 10.99 15.63
CA CYS A 523 -7.83 9.86 15.56
C CYS A 523 -7.15 8.55 15.94
N GLU A 524 -7.94 7.56 16.38
CA GLU A 524 -7.40 6.27 16.78
C GLU A 524 -6.73 5.52 15.62
N LEU A 525 -7.03 5.87 14.34
CA LEU A 525 -6.32 5.22 13.24
C LEU A 525 -4.93 5.84 13.08
N THR A 526 -4.81 7.15 13.22
CA THR A 526 -3.52 7.83 13.13
C THR A 526 -2.64 7.40 14.31
N LYS A 527 -3.22 7.26 15.51
CA LYS A 527 -2.47 6.87 16.69
C LYS A 527 -1.94 5.47 16.52
N PHE A 528 -2.79 4.55 15.99
CA PHE A 528 -2.43 3.16 15.73
C PHE A 528 -1.34 3.04 14.67
N LEU A 529 -1.52 3.71 13.51
CA LEU A 529 -0.55 3.66 12.42
C LEU A 529 0.80 4.19 12.85
N LEU A 530 0.83 5.25 13.63
CA LEU A 530 2.07 5.83 14.13
C LEU A 530 2.73 4.97 15.21
N GLY A 531 1.91 4.33 16.03
CA GLY A 531 2.39 3.45 17.07
C GLY A 531 3.01 2.22 16.46
N ARG A 532 2.37 1.65 15.44
CA ARG A 532 2.92 0.47 14.75
C ARG A 532 4.13 0.81 13.84
N ALA A 533 4.19 2.03 13.29
CA ALA A 533 5.28 2.57 12.48
C ALA A 533 6.52 2.83 13.34
N LEU A 534 6.33 3.33 14.56
CA LEU A 534 7.45 3.61 15.44
C LEU A 534 8.00 2.36 16.16
N ALA A 535 7.34 1.21 16.00
CA ALA A 535 7.73 -0.08 16.54
C ALA A 535 8.35 -1.00 15.44
N ASN A 536 8.39 -0.57 14.18
CA ASN A 536 8.93 -1.35 13.09
C ASN A 536 9.40 -0.36 12.02
N ARG A 537 10.73 -0.34 11.71
CA ARG A 537 11.24 0.64 10.76
C ARG A 537 10.78 0.38 9.32
N LYS A 538 10.41 -0.88 8.98
CA LYS A 538 9.87 -1.22 7.66
C LYS A 538 8.46 -0.64 7.54
N ILE A 539 7.64 -0.67 8.60
CA ILE A 539 6.29 -0.10 8.58
C ILE A 539 6.30 1.42 8.63
N GLY A 540 7.23 1.98 9.39
CA GLY A 540 7.44 3.42 9.43
C GLY A 540 7.99 3.95 8.13
N HIS A 541 8.73 3.14 7.37
CA HIS A 541 9.28 3.46 6.06
C HIS A 541 8.17 3.68 5.02
N PHE A 542 7.33 2.64 4.77
CA PHE A 542 6.23 2.65 3.79
C PHE A 542 5.09 3.56 4.20
N LEU A 543 4.86 3.76 5.53
CA LEU A 543 3.85 4.72 5.97
C LEU A 543 4.33 6.11 5.53
N PHE A 544 5.65 6.41 5.72
CA PHE A 544 6.26 7.66 5.31
C PHE A 544 6.01 7.93 3.83
N TRP A 545 6.36 6.97 2.97
CA TRP A 545 6.23 7.15 1.54
C TRP A 545 4.79 7.19 1.08
N HIS A 546 3.86 6.51 1.77
CA HIS A 546 2.45 6.57 1.37
C HIS A 546 1.85 7.98 1.62
N LEU A 547 2.38 8.69 2.65
CA LEU A 547 1.97 10.05 3.02
C LEU A 547 2.77 11.08 2.23
N ARG A 548 4.04 10.83 1.96
CA ARG A 548 4.89 11.76 1.21
C ARG A 548 4.47 11.88 -0.22
N SER A 549 4.11 10.74 -0.82
CA SER A 549 3.67 10.65 -2.19
C SER A 549 2.36 11.39 -2.48
N GLU A 550 1.55 11.71 -1.44
CA GLU A 550 0.31 12.44 -1.66
C GLU A 550 0.39 13.91 -1.21
N MET A 551 1.59 14.44 -0.92
CA MET A 551 1.73 15.83 -0.47
C MET A 551 1.37 16.88 -1.52
N HIS A 552 1.24 16.50 -2.78
CA HIS A 552 0.83 17.45 -3.83
C HIS A 552 -0.70 17.57 -3.90
N VAL A 553 -1.47 16.73 -3.15
CA VAL A 553 -2.93 16.73 -3.13
C VAL A 553 -3.42 17.64 -1.97
N PRO A 554 -3.95 18.82 -2.31
CA PRO A 554 -4.37 19.77 -1.25
C PRO A 554 -5.29 19.26 -0.15
N SER A 555 -6.19 18.32 -0.50
CA SER A 555 -7.14 17.80 0.47
C SER A 555 -6.49 16.93 1.55
N VAL A 556 -5.36 16.30 1.26
CA VAL A 556 -4.69 15.43 2.23
C VAL A 556 -3.39 16.02 2.80
N ALA A 557 -2.82 17.05 2.13
CA ALA A 557 -1.55 17.69 2.49
C ALA A 557 -1.42 18.11 3.97
N LEU A 558 -2.44 18.73 4.60
CA LEU A 558 -2.35 19.09 6.02
C LEU A 558 -2.33 17.83 6.89
N ARG A 559 -3.28 16.91 6.67
CA ARG A 559 -3.35 15.69 7.46
C ARG A 559 -2.08 14.88 7.35
N PHE A 560 -1.65 14.55 6.14
CA PHE A 560 -0.46 13.76 5.90
C PHE A 560 0.82 14.48 6.39
N GLY A 561 0.89 15.77 6.17
CA GLY A 561 2.03 16.57 6.60
C GLY A 561 2.24 16.53 8.10
N LEU A 562 1.14 16.59 8.86
CA LEU A 562 1.17 16.54 10.32
C LEU A 562 1.59 15.15 10.84
N ILE A 563 1.12 14.05 10.21
CA ILE A 563 1.49 12.69 10.59
C ILE A 563 3.00 12.45 10.36
N MET A 564 3.52 12.83 9.19
CA MET A 564 4.95 12.64 8.89
C MET A 564 5.81 13.41 9.88
N GLU A 565 5.40 14.65 10.24
CA GLU A 565 6.09 15.46 11.24
C GLU A 565 6.16 14.72 12.59
N ALA A 566 5.01 14.23 13.07
CA ALA A 566 4.91 13.49 14.32
C ALA A 566 5.84 12.27 14.31
N TYR A 567 5.87 11.50 13.20
CA TYR A 567 6.73 10.33 13.13
C TYR A 567 8.20 10.71 13.27
N CYS A 568 8.58 11.82 12.62
CA CYS A 568 9.94 12.36 12.65
C CYS A 568 10.39 12.68 14.06
N ARG A 569 9.47 13.12 14.94
CA ARG A 569 9.83 13.40 16.33
C ARG A 569 10.26 12.16 17.09
N GLY A 570 9.70 11.01 16.73
CA GLY A 570 10.06 9.75 17.36
C GLY A 570 11.10 8.93 16.61
N SER A 571 11.60 9.45 15.46
CA SER A 571 12.62 8.74 14.65
C SER A 571 13.56 9.71 13.94
N THR A 572 14.42 10.45 14.69
CA THR A 572 15.33 11.44 14.10
C THR A 572 16.40 10.77 13.23
N HIS A 573 16.88 9.58 13.60
CA HIS A 573 17.83 8.87 12.75
C HIS A 573 17.12 8.41 11.47
N HIS A 574 15.91 7.83 11.58
CA HIS A 574 15.17 7.41 10.37
C HIS A 574 14.83 8.58 9.43
N MET A 575 14.63 9.79 9.99
CA MET A 575 14.40 11.01 9.22
C MET A 575 15.62 11.27 8.33
N LYS A 576 16.83 11.14 8.90
CA LYS A 576 18.08 11.34 8.19
C LYS A 576 18.28 10.33 7.04
N VAL A 577 17.75 9.09 7.21
CA VAL A 577 17.85 8.00 6.25
C VAL A 577 16.90 8.23 5.09
N LEU A 578 15.67 8.69 5.41
CA LEU A 578 14.62 9.09 4.46
C LEU A 578 15.05 10.36 3.71
N MET A 579 15.78 11.29 4.38
CA MET A 579 16.32 12.49 3.73
C MET A 579 17.26 12.10 2.61
N LYS A 580 18.10 11.09 2.86
CA LYS A 580 19.01 10.60 1.84
C LYS A 580 18.24 10.08 0.57
N GLN A 581 17.08 9.41 0.79
CA GLN A 581 16.22 8.90 -0.26
C GLN A 581 15.61 10.06 -1.06
N GLY A 582 15.10 11.07 -0.36
CA GLY A 582 14.51 12.24 -0.99
C GLY A 582 15.50 13.04 -1.81
N GLU A 583 16.77 13.08 -1.37
CA GLU A 583 17.80 13.77 -2.13
C GLU A 583 18.12 13.00 -3.42
N ALA A 584 18.09 11.65 -3.37
CA ALA A 584 18.35 10.84 -4.53
C ALA A 584 17.21 11.04 -5.54
N LEU A 585 15.96 11.06 -5.06
CA LEU A 585 14.77 11.28 -5.85
C LEU A 585 14.68 12.66 -6.46
N SER A 586 15.24 13.64 -5.76
CA SER A 586 15.35 15.02 -6.22
C SER A 586 16.33 15.07 -7.40
N LYS A 587 17.46 14.38 -7.31
CA LYS A 587 18.44 14.35 -8.39
C LYS A 587 17.94 13.55 -9.59
N LEU A 588 17.13 12.49 -9.33
CA LEU A 588 16.58 11.66 -10.38
C LEU A 588 15.58 12.44 -11.24
N LYS A 589 14.82 13.35 -10.64
CA LYS A 589 13.87 14.23 -11.36
C LYS A 589 14.66 15.23 -12.24
N ALA A 590 15.80 15.76 -11.75
CA ALA A 590 16.56 16.73 -12.50
C ALA A 590 17.27 16.07 -13.71
N LEU A 591 17.71 14.82 -13.51
CA LEU A 591 18.36 14.03 -14.53
C LEU A 591 17.29 13.58 -15.53
N ASN A 592 16.08 13.20 -15.05
CA ASN A 592 15.01 12.78 -15.93
C ASN A 592 14.49 13.91 -16.79
N ASP A 593 14.37 15.16 -16.26
CA ASP A 593 13.92 16.34 -17.04
C ASP A 593 14.94 16.68 -18.13
N PHE A 594 16.23 16.54 -17.81
CA PHE A 594 17.31 16.75 -18.76
C PHE A 594 17.16 15.72 -19.89
N VAL A 595 17.02 14.44 -19.53
CA VAL A 595 16.84 13.33 -20.45
C VAL A 595 15.67 13.56 -21.38
N LYS A 596 14.54 14.05 -20.86
CA LYS A 596 13.35 14.37 -21.67
C LYS A 596 13.70 15.48 -22.71
N VAL A 597 14.29 16.63 -22.27
CA VAL A 597 14.65 17.70 -23.20
C VAL A 597 15.66 17.21 -24.23
N SER A 598 16.77 16.64 -23.79
CA SER A 598 17.83 16.15 -24.67
C SER A 598 17.37 15.14 -25.73
N SER A 599 16.55 14.15 -25.34
CA SER A 599 16.08 13.11 -26.25
C SER A 599 15.26 13.63 -27.43
N GLN A 600 14.61 14.79 -27.25
CA GLN A 600 13.86 15.44 -28.32
C GLN A 600 14.79 16.23 -29.29
N LYS A 601 16.14 16.20 -29.09
CA LYS A 601 17.07 16.98 -29.92
C LYS A 601 18.36 16.23 -30.39
N THR A 602 18.73 15.09 -29.81
CA THR A 602 19.89 14.31 -30.27
C THR A 602 19.55 12.80 -30.36
N THR A 603 20.46 12.03 -30.98
CA THR A 603 20.43 10.58 -31.13
C THR A 603 20.48 9.93 -29.71
N LYS A 604 19.82 8.77 -29.50
CA LYS A 604 19.82 8.11 -28.18
C LYS A 604 21.27 7.92 -27.62
N PRO A 605 22.25 7.39 -28.40
CA PRO A 605 23.61 7.26 -27.85
C PRO A 605 24.18 8.56 -27.28
N GLN A 606 23.91 9.69 -27.95
CA GLN A 606 24.37 10.99 -27.51
C GLN A 606 23.74 11.42 -26.20
N THR A 607 22.43 11.18 -26.04
CA THR A 607 21.70 11.51 -24.80
C THR A 607 22.17 10.62 -23.66
N LYS A 608 22.46 9.34 -23.94
CA LYS A 608 22.94 8.40 -22.94
C LYS A 608 24.33 8.80 -22.45
N GLU A 609 25.19 9.30 -23.32
CA GLU A 609 26.51 9.79 -22.91
C GLU A 609 26.45 11.05 -22.06
N MET A 610 25.48 11.93 -22.35
CA MET A 610 25.35 13.14 -21.56
C MET A 610 24.59 12.97 -20.29
N MET A 611 23.79 11.90 -20.18
CA MET A 611 23.14 11.58 -18.95
C MET A 611 24.27 11.07 -17.97
N HIS A 612 25.19 10.27 -18.49
CA HIS A 612 26.33 9.75 -17.75
C HIS A 612 27.27 10.83 -17.26
N MET A 613 27.51 11.88 -18.06
CA MET A 613 28.36 13.00 -17.62
C MET A 613 27.65 13.75 -16.50
N CYS A 614 26.34 13.96 -16.63
CA CYS A 614 25.55 14.63 -15.62
C CYS A 614 25.65 13.85 -14.29
N MET A 615 25.47 12.51 -14.35
CA MET A 615 25.54 11.59 -13.22
C MET A 615 26.91 11.56 -12.55
N ARG A 616 27.98 11.78 -13.35
CA ARG A 616 29.37 11.75 -12.90
C ARG A 616 29.82 13.01 -12.15
N GLN A 617 28.96 14.03 -12.09
CA GLN A 617 29.18 15.23 -11.31
C GLN A 617 29.07 14.82 -9.85
N GLU A 618 29.95 15.31 -8.98
CA GLU A 618 29.92 14.95 -7.57
C GLU A 618 28.62 15.25 -6.89
N THR A 619 27.86 16.24 -7.37
CA THR A 619 26.55 16.56 -6.81
C THR A 619 25.62 15.33 -6.93
N TYR A 620 25.70 14.64 -8.07
CA TYR A 620 24.96 13.43 -8.40
C TYR A 620 25.57 12.13 -7.85
N MET A 621 26.92 11.95 -7.95
CA MET A 621 27.57 10.72 -7.45
C MET A 621 27.35 10.59 -5.96
N GLU A 622 27.46 11.71 -5.24
CA GLU A 622 27.20 11.71 -3.82
C GLU A 622 25.74 11.47 -3.48
N ALA A 623 24.80 12.18 -4.11
CA ALA A 623 23.36 12.01 -3.83
C ALA A 623 22.75 10.69 -4.26
N LEU A 624 23.15 10.15 -5.40
CA LEU A 624 22.56 8.92 -5.90
C LEU A 624 23.20 7.65 -5.31
N SER A 625 24.23 7.77 -4.49
CA SER A 625 24.93 6.60 -3.92
C SER A 625 24.72 6.51 -2.45
N HIS A 626 24.82 5.29 -1.89
CA HIS A 626 24.83 5.01 -0.46
C HIS A 626 23.54 5.36 0.22
N LEU A 627 22.47 4.69 -0.18
CA LEU A 627 21.15 4.90 0.40
C LEU A 627 20.34 3.60 0.51
N GLN A 628 19.33 3.60 1.37
CA GLN A 628 18.41 2.48 1.43
C GLN A 628 17.42 2.67 0.29
N SER A 629 17.02 1.60 -0.33
CA SER A 629 16.08 1.68 -1.43
C SER A 629 14.68 2.05 -0.92
N PRO A 630 14.05 3.10 -1.48
CA PRO A 630 12.67 3.40 -1.09
C PRO A 630 11.72 2.23 -1.43
N LEU A 631 12.04 1.43 -2.43
CA LEU A 631 11.27 0.25 -2.78
C LEU A 631 11.41 -0.87 -1.68
N ASP A 632 12.56 -0.97 -1.02
CA ASP A 632 12.82 -1.99 -0.01
C ASP A 632 13.93 -1.54 0.90
N PRO A 633 13.59 -1.10 2.12
CA PRO A 633 14.62 -0.66 3.07
C PRO A 633 15.77 -1.65 3.32
N SER A 634 15.55 -2.96 3.12
CA SER A 634 16.60 -3.95 3.34
C SER A 634 17.61 -4.04 2.17
N THR A 635 17.23 -3.50 1.00
CA THR A 635 18.13 -3.46 -0.15
C THR A 635 18.91 -2.16 0.02
N LEU A 636 20.23 -2.25 -0.02
CA LEU A 636 21.08 -1.09 0.11
C LEU A 636 21.59 -0.72 -1.26
N LEU A 637 21.32 0.52 -1.72
CA LEU A 637 21.80 1.05 -3.00
C LEU A 637 23.17 1.69 -2.76
N GLU A 638 24.25 0.97 -3.10
CA GLU A 638 25.58 1.44 -2.79
C GLU A 638 26.25 2.28 -3.88
N GLU A 639 27.01 1.69 -4.80
CA GLU A 639 27.69 2.45 -5.84
C GLU A 639 26.80 2.47 -7.06
N VAL A 640 26.54 3.65 -7.60
CA VAL A 640 25.78 3.76 -8.85
C VAL A 640 26.70 3.44 -10.06
N CYS A 641 26.28 2.51 -10.91
CA CYS A 641 27.03 2.13 -12.10
C CYS A 641 26.55 2.94 -13.23
N VAL A 642 27.16 4.10 -13.40
CA VAL A 642 26.86 5.06 -14.44
C VAL A 642 26.95 4.45 -15.82
N GLU A 643 27.95 3.57 -16.11
CA GLU A 643 28.03 2.96 -17.45
C GLU A 643 26.83 2.10 -17.79
N GLN A 644 26.15 1.58 -16.78
CA GLN A 644 25.01 0.69 -16.98
C GLN A 644 23.65 1.39 -16.88
N CYS A 645 23.63 2.68 -16.56
CA CYS A 645 22.41 3.44 -16.45
C CYS A 645 21.99 3.91 -17.80
N THR A 646 20.68 4.04 -18.01
CA THR A 646 20.16 4.46 -19.29
C THR A 646 18.71 4.95 -19.11
N PHE A 647 17.95 5.14 -20.20
CA PHE A 647 16.55 5.53 -20.23
C PHE A 647 15.86 4.74 -21.33
N MET A 648 14.57 4.45 -21.12
CA MET A 648 13.71 3.77 -22.07
C MET A 648 13.04 4.77 -22.98
N ASP A 649 12.69 4.31 -24.18
CA ASP A 649 12.17 5.10 -25.28
C ASP A 649 10.71 5.51 -25.19
N SER A 650 10.02 5.17 -24.12
CA SER A 650 8.64 5.51 -23.82
C SER A 650 8.45 7.04 -23.57
N LYS A 651 7.19 7.55 -23.62
CA LYS A 651 6.87 8.98 -23.51
C LYS A 651 7.61 9.76 -22.42
N MET A 652 7.65 9.19 -21.21
CA MET A 652 8.27 9.88 -20.08
C MET A 652 9.75 9.58 -19.91
N LYS A 653 10.40 8.91 -20.89
CA LYS A 653 11.82 8.56 -20.84
C LYS A 653 12.27 8.03 -19.45
N PRO A 654 11.62 6.96 -18.91
CA PRO A 654 11.99 6.44 -17.60
C PRO A 654 13.47 6.11 -17.47
N LEU A 655 14.08 6.39 -16.31
CA LEU A 655 15.49 6.09 -16.12
C LEU A 655 15.68 4.68 -15.56
N TRP A 656 16.66 3.97 -16.08
CA TRP A 656 17.02 2.63 -15.69
C TRP A 656 18.34 2.83 -14.94
N ILE A 657 18.33 2.81 -13.59
CA ILE A 657 19.53 3.05 -12.79
C ILE A 657 20.01 1.76 -12.16
N MET A 658 21.28 1.38 -12.42
CA MET A 658 21.93 0.20 -11.88
C MET A 658 22.84 0.57 -10.69
N TYR A 659 22.98 -0.37 -9.75
CA TYR A 659 23.81 -0.27 -8.56
C TYR A 659 24.60 -1.51 -8.36
N SER A 660 25.77 -1.39 -7.75
CA SER A 660 26.59 -2.52 -7.39
C SER A 660 27.12 -2.30 -5.97
N SER A 661 27.46 -3.40 -5.27
CA SER A 661 28.04 -3.40 -3.92
C SER A 661 29.01 -4.56 -3.81
N GLU A 662 30.30 -4.28 -3.50
CA GLU A 662 31.33 -5.32 -3.33
C GLU A 662 30.98 -6.25 -2.14
N GLU A 663 30.59 -5.65 -0.99
CA GLU A 663 30.21 -6.33 0.26
C GLU A 663 29.15 -7.40 0.09
N ALA A 664 28.24 -7.22 -0.88
CA ALA A 664 27.14 -8.13 -1.16
C ALA A 664 27.37 -9.03 -2.38
N GLY A 665 28.49 -8.87 -3.09
CA GLY A 665 28.76 -9.62 -4.31
C GLY A 665 27.70 -9.41 -5.39
N SER A 666 27.33 -10.48 -6.11
CA SER A 666 26.32 -10.42 -7.17
C SER A 666 24.92 -9.99 -6.67
N ALA A 667 24.64 -10.20 -5.39
CA ALA A 667 23.35 -9.79 -4.81
C ALA A 667 23.23 -8.27 -4.64
N GLY A 668 24.36 -7.56 -4.57
CA GLY A 668 24.37 -6.10 -4.49
C GLY A 668 24.08 -5.44 -5.85
N ASN A 669 23.96 -6.24 -6.95
CA ASN A 669 23.66 -5.77 -8.29
C ASN A 669 22.17 -5.61 -8.34
N VAL A 670 21.70 -4.39 -8.24
CA VAL A 670 20.32 -4.05 -8.08
C VAL A 670 19.97 -2.92 -9.06
N GLY A 671 18.80 -3.01 -9.67
CA GLY A 671 18.35 -1.99 -10.59
C GLY A 671 17.06 -1.38 -10.13
N ILE A 672 16.87 -0.09 -10.37
CA ILE A 672 15.63 0.66 -10.05
C ILE A 672 15.23 1.49 -11.26
N ILE A 673 13.95 1.76 -11.40
CA ILE A 673 13.42 2.54 -12.51
C ILE A 673 12.75 3.78 -11.97
N PHE A 674 13.20 4.96 -12.38
CA PHE A 674 12.61 6.20 -11.95
C PHE A 674 11.65 6.70 -13.05
N LYS A 675 10.39 6.96 -12.68
CA LYS A 675 9.41 7.41 -13.67
C LYS A 675 8.73 8.69 -13.24
N ASN A 676 8.75 9.73 -14.10
CA ASN A 676 8.08 10.98 -13.79
C ASN A 676 7.18 11.32 -14.93
N GLY A 677 5.92 11.57 -14.63
CA GLY A 677 4.93 11.91 -15.64
C GLY A 677 3.69 11.04 -15.62
N ASP A 678 3.77 9.87 -14.99
CA ASP A 678 2.63 8.96 -14.89
C ASP A 678 2.30 8.61 -13.46
N ASP A 679 1.03 8.30 -13.19
CA ASP A 679 0.62 7.92 -11.85
C ASP A 679 1.02 6.45 -11.66
N LEU A 680 1.61 6.09 -10.50
CA LEU A 680 2.03 4.71 -10.25
C LEU A 680 1.21 3.97 -9.19
N ARG A 681 0.17 4.60 -8.66
CA ARG A 681 -0.70 4.04 -7.63
C ARG A 681 -1.45 2.76 -8.04
N GLN A 682 -2.11 2.78 -9.20
CA GLN A 682 -2.83 1.61 -9.69
C GLN A 682 -1.86 0.42 -9.93
N ASP A 683 -0.64 0.69 -10.46
CA ASP A 683 0.37 -0.35 -10.64
C ASP A 683 0.73 -0.94 -9.28
N MET A 684 0.93 -0.06 -8.27
CA MET A 684 1.30 -0.51 -6.94
C MET A 684 0.23 -1.39 -6.35
N LEU A 685 -1.02 -0.94 -6.45
CA LEU A 685 -2.20 -1.66 -5.97
C LEU A 685 -2.32 -3.03 -6.62
N THR A 686 -2.13 -3.10 -7.95
CA THR A 686 -2.25 -4.33 -8.70
C THR A 686 -1.23 -5.33 -8.23
N LEU A 687 0.03 -4.87 -8.06
CA LEU A 687 1.15 -5.69 -7.63
C LEU A 687 0.98 -6.16 -6.21
N GLN A 688 0.43 -5.32 -5.33
CA GLN A 688 0.13 -5.71 -3.96
C GLN A 688 -0.94 -6.80 -3.91
N MET A 689 -1.94 -6.73 -4.79
CA MET A 689 -2.98 -7.73 -4.91
C MET A 689 -2.42 -9.03 -5.42
N ILE A 690 -1.52 -8.99 -6.42
CA ILE A 690 -0.86 -10.20 -6.93
C ILE A 690 -0.01 -10.81 -5.81
N GLN A 691 0.67 -9.98 -5.00
CA GLN A 691 1.48 -10.49 -3.90
C GLN A 691 0.59 -11.16 -2.84
N LEU A 692 -0.60 -10.59 -2.58
CA LEU A 692 -1.55 -11.14 -1.63
C LEU A 692 -2.06 -12.51 -2.15
N MET A 693 -2.30 -12.62 -3.47
CA MET A 693 -2.74 -13.86 -4.08
C MET A 693 -1.65 -14.93 -3.88
N ASP A 694 -0.39 -14.56 -4.11
CA ASP A 694 0.75 -15.42 -3.91
C ASP A 694 0.83 -15.88 -2.46
N VAL A 695 0.67 -14.97 -1.51
CA VAL A 695 0.68 -15.34 -0.08
C VAL A 695 -0.46 -16.31 0.26
N LEU A 696 -1.66 -16.10 -0.32
CA LEU A 696 -2.81 -16.98 -0.11
C LEU A 696 -2.56 -18.36 -0.74
N TRP A 697 -2.09 -18.39 -1.99
CA TRP A 697 -1.75 -19.62 -2.66
C TRP A 697 -0.68 -20.39 -1.88
N LYS A 698 0.40 -19.71 -1.45
CA LYS A 698 1.46 -20.36 -0.67
C LYS A 698 0.94 -20.87 0.69
N GLN A 699 -0.03 -20.16 1.33
CA GLN A 699 -0.65 -20.62 2.58
C GLN A 699 -1.41 -21.96 2.40
N GLU A 700 -1.87 -22.26 1.18
CA GLU A 700 -2.56 -23.53 0.89
C GLU A 700 -1.64 -24.49 0.14
N GLY A 701 -0.34 -24.41 0.41
CA GLY A 701 0.66 -25.24 -0.24
C GLY A 701 0.80 -25.08 -1.74
N LEU A 702 0.43 -23.92 -2.31
CA LEU A 702 0.54 -23.70 -3.76
C LEU A 702 1.54 -22.61 -4.15
N ASP A 703 2.76 -23.00 -4.52
CA ASP A 703 3.76 -22.03 -4.98
C ASP A 703 3.74 -21.84 -6.52
N LEU A 704 3.08 -20.77 -6.99
CA LEU A 704 3.02 -20.51 -8.43
C LEU A 704 4.21 -19.72 -8.95
N ARG A 705 5.29 -19.54 -8.15
CA ARG A 705 6.51 -18.89 -8.65
C ARG A 705 6.24 -17.49 -9.23
N MET A 706 5.43 -16.71 -8.52
CA MET A 706 5.12 -15.35 -8.94
C MET A 706 6.32 -14.38 -8.82
N THR A 707 6.19 -13.17 -9.40
CA THR A 707 7.26 -12.17 -9.36
C THR A 707 6.63 -10.84 -9.04
N PRO A 708 6.24 -10.64 -7.77
CA PRO A 708 5.60 -9.37 -7.41
C PRO A 708 6.66 -8.34 -7.07
N TYR A 709 7.29 -7.78 -8.09
CA TYR A 709 8.34 -6.78 -7.92
C TYR A 709 7.77 -5.48 -7.34
N GLY A 710 8.64 -4.68 -6.74
CA GLY A 710 8.31 -3.39 -6.16
C GLY A 710 7.90 -2.28 -7.11
N CYS A 711 6.97 -1.48 -6.66
CA CYS A 711 6.45 -0.29 -7.31
C CYS A 711 6.07 0.62 -6.18
N LEU A 712 6.69 1.78 -6.10
CA LEU A 712 6.43 2.70 -5.02
C LEU A 712 6.31 4.14 -5.48
N PRO A 713 5.10 4.70 -5.47
CA PRO A 713 4.94 6.13 -5.75
C PRO A 713 5.67 6.96 -4.66
N THR A 714 6.39 8.01 -5.06
CA THR A 714 7.14 8.83 -4.11
C THR A 714 6.76 10.32 -4.10
N GLY A 715 6.02 10.75 -5.13
CA GLY A 715 5.65 12.15 -5.26
C GLY A 715 4.64 12.35 -6.37
N ASP A 716 4.57 13.58 -6.90
CA ASP A 716 3.63 14.00 -7.95
C ASP A 716 3.94 13.30 -9.26
N ARG A 717 3.12 12.30 -9.64
CA ARG A 717 3.30 11.52 -10.88
C ARG A 717 4.74 10.95 -10.96
N THR A 718 5.32 10.61 -9.80
CA THR A 718 6.68 10.13 -9.70
C THR A 718 6.74 8.88 -8.84
N GLY A 719 7.64 7.97 -9.17
CA GLY A 719 7.85 6.78 -8.37
C GLY A 719 8.92 5.87 -8.87
N LEU A 720 9.16 4.76 -8.14
CA LEU A 720 10.15 3.76 -8.51
C LEU A 720 9.53 2.41 -8.85
N ILE A 721 10.20 1.65 -9.69
CA ILE A 721 9.78 0.30 -10.06
C ILE A 721 11.04 -0.54 -9.90
N GLU A 722 10.95 -1.70 -9.28
CA GLU A 722 12.13 -2.53 -9.05
C GLU A 722 12.49 -3.28 -10.31
N VAL A 723 13.76 -3.26 -10.70
CA VAL A 723 14.20 -3.99 -11.88
C VAL A 723 14.38 -5.46 -11.49
N VAL A 724 13.85 -6.37 -12.33
CA VAL A 724 14.02 -7.80 -12.15
C VAL A 724 15.05 -8.13 -13.22
N LEU A 725 16.29 -8.39 -12.80
CA LEU A 725 17.36 -8.66 -13.72
C LEU A 725 17.20 -10.05 -14.26
N HIS A 726 17.87 -10.32 -15.41
CA HIS A 726 17.83 -11.64 -15.99
C HIS A 726 16.45 -11.98 -16.49
N SER A 727 15.79 -11.00 -17.08
CA SER A 727 14.49 -11.15 -17.69
C SER A 727 14.47 -10.35 -19.00
N ASP A 728 13.62 -10.74 -19.90
CA ASP A 728 13.42 -10.04 -21.16
C ASP A 728 11.93 -10.14 -21.54
N THR A 729 11.44 -9.28 -22.44
CA THR A 729 10.04 -9.34 -22.83
C THR A 729 9.86 -10.42 -23.87
N ILE A 730 8.63 -10.94 -23.98
CA ILE A 730 8.25 -11.91 -25.02
C ILE A 730 8.68 -11.43 -26.41
N ALA A 731 8.43 -10.16 -26.71
CA ALA A 731 8.79 -9.53 -27.97
C ALA A 731 10.29 -9.46 -28.24
N ASN A 732 11.14 -9.27 -27.22
CA ASN A 732 12.59 -9.26 -27.45
C ASN A 732 13.13 -10.68 -27.69
N ILE A 733 12.60 -11.71 -26.98
CA ILE A 733 13.02 -13.10 -27.16
C ILE A 733 12.62 -13.56 -28.57
N GLN A 734 11.44 -13.13 -29.04
CA GLN A 734 10.92 -13.47 -30.37
C GLN A 734 11.75 -12.81 -31.47
N LEU A 735 12.29 -11.61 -31.23
CA LEU A 735 13.22 -10.98 -32.17
C LEU A 735 14.63 -11.22 -31.57
N ASN A 736 15.09 -12.49 -31.57
CA ASN A 736 16.38 -12.93 -31.01
C ASN A 736 17.61 -12.23 -31.61
N LYS A 737 18.73 -12.22 -30.87
CA LYS A 737 19.99 -11.61 -31.31
C LYS A 737 21.10 -12.68 -31.32
N SER A 738 20.95 -13.70 -32.20
CA SER A 738 21.85 -14.84 -32.46
C SER A 738 22.47 -15.47 -31.20
N THR A 743 18.91 -20.65 -34.78
CA THR A 743 17.70 -19.92 -35.18
C THR A 743 16.38 -20.76 -34.94
N ALA A 744 15.22 -20.09 -35.10
CA ALA A 744 13.92 -20.70 -35.04
C ALA A 744 13.36 -20.78 -36.48
N ALA A 745 13.01 -21.98 -36.92
CA ALA A 745 12.38 -22.17 -38.22
C ALA A 745 10.97 -21.55 -38.19
N PHE A 746 10.29 -21.63 -37.02
CA PHE A 746 8.95 -21.15 -36.74
C PHE A 746 8.98 -20.28 -35.51
N ASN A 747 8.34 -19.09 -35.56
CA ASN A 747 8.27 -18.16 -34.45
C ASN A 747 7.71 -18.83 -33.19
N LYS A 748 6.78 -19.79 -33.35
CA LYS A 748 6.25 -20.50 -32.19
C LYS A 748 7.32 -21.18 -31.33
N ASP A 749 8.51 -21.42 -31.90
CA ASP A 749 9.60 -22.09 -31.19
C ASP A 749 10.60 -21.14 -30.51
N ALA A 750 10.51 -19.81 -30.78
CA ALA A 750 11.43 -18.84 -30.20
C ALA A 750 11.54 -18.88 -28.69
N LEU A 751 10.38 -18.79 -27.93
CA LEU A 751 10.40 -18.83 -26.47
C LEU A 751 11.02 -20.12 -25.97
N LEU A 752 10.62 -21.28 -26.51
CA LEU A 752 11.21 -22.55 -26.10
C LEU A 752 12.71 -22.60 -26.37
N ASN A 753 13.17 -22.10 -27.52
CA ASN A 753 14.59 -22.03 -27.82
C ASN A 753 15.34 -21.08 -26.85
N TRP A 754 14.75 -19.93 -26.48
CA TRP A 754 15.38 -19.02 -25.53
C TRP A 754 15.53 -19.70 -24.16
N LEU A 755 14.50 -20.46 -23.73
CA LEU A 755 14.51 -21.21 -22.49
C LEU A 755 15.61 -22.28 -22.52
N LYS A 756 15.84 -22.90 -23.68
CA LYS A 756 16.89 -23.89 -23.87
C LYS A 756 18.26 -23.20 -23.75
N SER A 757 18.41 -21.98 -24.30
CA SER A 757 19.64 -21.17 -24.25
C SER A 757 20.03 -20.88 -22.80
N LYS A 758 19.05 -20.57 -21.96
CA LYS A 758 19.32 -20.24 -20.58
C LYS A 758 19.33 -21.46 -19.64
N ASN A 759 18.75 -22.58 -20.08
CA ASN A 759 18.65 -23.77 -19.22
C ASN A 759 19.02 -25.02 -20.00
N PRO A 760 20.32 -25.31 -20.14
CA PRO A 760 20.74 -26.50 -20.90
C PRO A 760 20.38 -27.82 -20.21
N GLY A 761 20.37 -28.89 -21.01
CA GLY A 761 20.07 -30.26 -20.60
C GLY A 761 19.07 -30.41 -19.46
N GLU A 762 19.51 -31.09 -18.40
CA GLU A 762 18.74 -31.35 -17.18
C GLU A 762 17.91 -30.18 -16.65
N ALA A 763 18.37 -28.93 -16.83
CA ALA A 763 17.68 -27.74 -16.34
C ALA A 763 16.39 -27.33 -17.08
N LEU A 764 16.26 -27.66 -18.38
CA LEU A 764 15.10 -27.26 -19.18
C LEU A 764 13.75 -27.64 -18.55
N ASP A 765 13.64 -28.86 -17.98
CA ASP A 765 12.44 -29.33 -17.31
C ASP A 765 11.99 -28.43 -16.16
N ARG A 766 12.90 -27.99 -15.27
CA ARG A 766 12.52 -27.09 -14.18
C ARG A 766 12.09 -25.73 -14.71
N ALA A 767 12.71 -25.25 -15.80
CA ALA A 767 12.32 -23.99 -16.42
C ALA A 767 10.89 -24.06 -17.03
N ILE A 768 10.55 -25.16 -17.74
CA ILE A 768 9.19 -25.34 -18.26
C ILE A 768 8.16 -25.44 -17.12
N GLU A 769 8.57 -25.99 -15.98
CA GLU A 769 7.72 -26.06 -14.82
C GLU A 769 7.51 -24.69 -14.22
N GLU A 770 8.59 -23.88 -14.08
CA GLU A 770 8.53 -22.50 -13.55
C GLU A 770 7.58 -21.68 -14.42
N PHE A 771 7.72 -21.82 -15.76
CA PHE A 771 6.89 -21.15 -16.74
C PHE A 771 5.43 -21.53 -16.54
N THR A 772 5.15 -22.84 -16.39
CA THR A 772 3.79 -23.37 -16.26
C THR A 772 3.12 -22.81 -15.05
N LEU A 773 3.74 -22.91 -13.87
CA LEU A 773 3.20 -22.42 -12.61
C LEU A 773 2.91 -20.90 -12.64
N SER A 774 3.89 -20.05 -12.99
CA SER A 774 3.74 -18.59 -13.03
C SER A 774 2.77 -18.16 -14.10
N CYS A 775 2.76 -18.86 -15.24
CA CYS A 775 1.81 -18.60 -16.30
C CYS A 775 0.37 -18.84 -15.77
N ALA A 776 0.15 -19.91 -15.02
CA ALA A 776 -1.14 -20.19 -14.42
C ALA A 776 -1.52 -19.09 -13.39
N GLY A 777 -0.56 -18.64 -12.61
CA GLY A 777 -0.79 -17.56 -11.65
C GLY A 777 -1.18 -16.24 -12.31
N TYR A 778 -0.41 -15.81 -13.32
CA TYR A 778 -0.71 -14.56 -14.00
C TYR A 778 -1.95 -14.63 -14.87
N CYS A 779 -2.28 -15.83 -15.39
CA CYS A 779 -3.50 -16.03 -16.16
C CYS A 779 -4.71 -15.84 -15.26
N VAL A 780 -4.64 -16.35 -14.02
CA VAL A 780 -5.72 -16.23 -13.06
C VAL A 780 -5.76 -14.80 -12.49
N ALA A 781 -4.64 -14.23 -12.09
CA ALA A 781 -4.59 -12.87 -11.57
C ALA A 781 -5.09 -11.84 -12.59
N THR A 782 -4.62 -11.90 -13.86
CA THR A 782 -5.08 -10.91 -14.85
C THR A 782 -6.54 -11.11 -15.19
N TYR A 783 -7.03 -12.36 -15.13
CA TYR A 783 -8.41 -12.70 -15.36
C TYR A 783 -9.28 -12.12 -14.23
N VAL A 784 -9.03 -12.56 -12.98
CA VAL A 784 -9.76 -12.12 -11.81
C VAL A 784 -9.75 -10.59 -11.65
N LEU A 785 -8.58 -9.93 -11.74
CA LEU A 785 -8.51 -8.47 -11.59
C LEU A 785 -8.95 -7.66 -12.84
N GLY A 786 -9.32 -8.33 -13.93
CA GLY A 786 -9.75 -7.63 -15.15
C GLY A 786 -8.67 -6.82 -15.85
N ILE A 787 -7.44 -7.30 -15.82
CA ILE A 787 -6.33 -6.63 -16.48
C ILE A 787 -6.23 -7.07 -17.93
N GLY A 788 -6.56 -6.16 -18.82
CA GLY A 788 -6.48 -6.39 -20.26
C GLY A 788 -5.28 -5.70 -20.87
N ASP A 789 -5.23 -5.66 -22.20
CA ASP A 789 -4.13 -5.03 -22.94
C ASP A 789 -2.81 -5.69 -22.59
N ARG A 790 -2.81 -7.01 -22.53
CA ARG A 790 -1.60 -7.76 -22.27
C ARG A 790 -1.12 -8.19 -23.66
N HIS A 791 0.15 -7.97 -23.92
CA HIS A 791 0.76 -8.26 -25.22
C HIS A 791 2.25 -8.59 -25.02
N SER A 792 2.96 -8.95 -26.08
CA SER A 792 4.36 -9.33 -26.01
C SER A 792 5.31 -8.30 -25.39
N ASP A 793 4.86 -7.03 -25.21
CA ASP A 793 5.71 -5.97 -24.69
C ASP A 793 5.65 -5.83 -23.18
N ASN A 794 4.49 -6.13 -22.59
CA ASN A 794 4.33 -6.03 -21.14
C ASN A 794 4.28 -7.39 -20.45
N ILE A 795 4.82 -8.43 -21.09
CA ILE A 795 4.92 -9.75 -20.50
C ILE A 795 6.35 -10.12 -20.68
N MET A 796 6.98 -10.55 -19.57
CA MET A 796 8.39 -10.88 -19.53
C MET A 796 8.64 -12.28 -19.01
N ILE A 797 9.76 -12.86 -19.39
CA ILE A 797 10.18 -14.16 -18.88
C ILE A 797 11.55 -13.98 -18.27
N ARG A 798 11.78 -14.56 -17.09
CA ARG A 798 13.04 -14.62 -16.35
C ARG A 798 13.80 -15.83 -16.86
N GLU A 799 15.14 -15.81 -16.80
CA GLU A 799 15.93 -16.93 -17.34
C GLU A 799 15.67 -18.29 -16.64
N SER A 800 15.08 -18.25 -15.46
CA SER A 800 14.64 -19.42 -14.71
C SER A 800 13.41 -20.09 -15.37
N GLY A 801 12.69 -19.35 -16.20
CA GLY A 801 11.46 -19.82 -16.82
C GLY A 801 10.24 -19.05 -16.37
N GLN A 802 10.32 -18.36 -15.21
CA GLN A 802 9.22 -17.59 -14.66
C GLN A 802 8.69 -16.49 -15.57
N LEU A 803 7.41 -16.57 -15.85
CA LEU A 803 6.70 -15.57 -16.64
C LEU A 803 6.11 -14.56 -15.65
N PHE A 804 6.18 -13.28 -15.95
CA PHE A 804 5.57 -12.25 -15.13
C PHE A 804 5.11 -11.11 -15.99
N HIS A 805 4.23 -10.29 -15.46
CA HIS A 805 3.66 -9.16 -16.17
C HIS A 805 4.20 -7.83 -15.66
N ILE A 806 4.26 -6.82 -16.53
CA ILE A 806 4.63 -5.45 -16.15
C ILE A 806 3.57 -4.48 -16.70
N ASP A 807 3.56 -3.20 -16.20
CA ASP A 807 2.69 -2.13 -16.65
C ASP A 807 1.20 -2.44 -16.51
N PHE A 808 0.64 -2.31 -15.30
CA PHE A 808 -0.79 -2.55 -15.08
C PHE A 808 -1.60 -1.23 -15.06
N GLY A 809 -1.66 -0.57 -16.22
CA GLY A 809 -2.41 0.68 -16.33
C GLY A 809 -3.91 0.52 -16.47
N HIS A 810 -4.40 -0.72 -16.61
CA HIS A 810 -5.82 -0.96 -16.81
C HIS A 810 -6.32 -2.17 -16.05
N PHE A 811 -7.28 -2.00 -15.15
CA PHE A 811 -7.84 -3.12 -14.39
C PHE A 811 -9.38 -2.99 -14.21
N LEU A 812 -10.03 -4.02 -13.70
CA LEU A 812 -11.48 -4.08 -13.53
C LEU A 812 -12.22 -3.80 -14.84
N GLY A 813 -11.69 -4.36 -15.93
CA GLY A 813 -12.25 -4.26 -17.28
C GLY A 813 -12.34 -2.87 -17.86
N ASN A 814 -11.33 -2.01 -17.60
CA ASN A 814 -11.31 -0.64 -18.09
C ASN A 814 -10.11 -0.43 -19.02
N VAL A 826 -13.35 -8.68 -19.73
CA VAL A 826 -12.01 -9.26 -19.94
C VAL A 826 -12.05 -10.78 -19.83
N PRO A 827 -11.94 -11.47 -20.99
CA PRO A 827 -11.99 -12.94 -20.98
C PRO A 827 -10.73 -13.55 -20.39
N PHE A 828 -10.76 -14.87 -20.14
CA PHE A 828 -9.57 -15.58 -19.71
C PHE A 828 -8.64 -15.65 -20.95
N ILE A 829 -7.33 -15.44 -20.75
CA ILE A 829 -6.43 -15.46 -21.88
C ILE A 829 -5.49 -16.65 -21.86
N LEU A 830 -5.50 -17.41 -22.94
CA LEU A 830 -4.57 -18.49 -23.14
C LEU A 830 -3.81 -18.18 -24.42
N THR A 831 -2.53 -17.81 -24.30
CA THR A 831 -1.74 -17.47 -25.45
C THR A 831 -1.12 -18.72 -26.03
N TYR A 832 -1.22 -18.89 -27.35
CA TYR A 832 -0.65 -20.01 -28.06
C TYR A 832 0.83 -20.22 -27.77
N ASP A 833 1.61 -19.13 -27.77
CA ASP A 833 3.03 -19.17 -27.54
C ASP A 833 3.38 -19.76 -26.19
N PHE A 834 2.55 -19.46 -25.16
CA PHE A 834 2.72 -20.00 -23.81
C PHE A 834 2.24 -21.44 -23.73
N VAL A 835 1.09 -21.77 -24.37
CA VAL A 835 0.58 -23.14 -24.42
C VAL A 835 1.62 -24.05 -25.13
N HIS A 836 2.33 -23.51 -26.14
CA HIS A 836 3.38 -24.25 -26.82
C HIS A 836 4.55 -24.59 -25.86
N VAL A 837 4.97 -23.62 -25.02
CA VAL A 837 5.99 -23.88 -23.99
C VAL A 837 5.47 -24.87 -22.90
N ILE A 838 4.23 -24.70 -22.41
CA ILE A 838 3.65 -25.60 -21.43
C ILE A 838 3.62 -27.04 -21.95
N GLN A 839 3.39 -27.21 -23.28
CA GLN A 839 3.34 -28.52 -23.88
C GLN A 839 4.71 -29.04 -24.32
N GLN A 840 5.81 -28.47 -23.80
CA GLN A 840 7.20 -28.85 -24.11
C GLN A 840 7.51 -28.81 -25.60
N GLY A 841 6.80 -27.97 -26.35
CA GLY A 841 6.96 -27.85 -27.78
C GLY A 841 6.14 -28.82 -28.61
N LYS A 842 5.41 -29.74 -27.96
CA LYS A 842 4.62 -30.72 -28.68
C LYS A 842 3.30 -30.11 -29.15
N THR A 843 2.83 -30.53 -30.36
CA THR A 843 1.55 -30.08 -30.94
C THR A 843 0.40 -30.55 -30.03
N ASN A 844 0.44 -31.82 -29.61
CA ASN A 844 -0.56 -32.34 -28.70
C ASN A 844 0.11 -32.79 -27.34
N ASN A 845 -0.29 -32.24 -26.18
CA ASN A 845 0.30 -32.67 -24.88
C ASN A 845 -0.67 -32.51 -23.71
N SER A 846 -1.70 -33.35 -23.64
CA SER A 846 -2.73 -33.34 -22.60
C SER A 846 -2.19 -33.53 -21.19
N GLU A 847 -1.12 -34.34 -21.02
CA GLU A 847 -0.52 -34.53 -19.71
C GLU A 847 0.01 -33.17 -19.20
N LYS A 848 0.82 -32.49 -19.99
CA LYS A 848 1.32 -31.17 -19.61
C LYS A 848 0.21 -30.12 -19.54
N PHE A 849 -0.56 -29.95 -20.62
CA PHE A 849 -1.63 -28.96 -20.65
C PHE A 849 -2.69 -29.07 -19.51
N GLU A 850 -3.17 -30.29 -19.20
CA GLU A 850 -4.18 -30.46 -18.18
C GLU A 850 -3.65 -30.32 -16.74
N ARG A 851 -2.35 -30.55 -16.54
CA ARG A 851 -1.70 -30.29 -15.27
C ARG A 851 -1.74 -28.73 -15.07
N PHE A 852 -1.48 -27.97 -16.15
CA PHE A 852 -1.59 -26.51 -16.18
C PHE A 852 -2.99 -26.03 -15.82
N ARG A 853 -4.04 -26.68 -16.35
CA ARG A 853 -5.44 -26.33 -16.05
C ARG A 853 -5.72 -26.50 -14.55
N GLY A 854 -5.20 -27.57 -13.96
CA GLY A 854 -5.31 -27.86 -12.53
C GLY A 854 -4.78 -26.74 -11.67
N TYR A 855 -3.62 -26.18 -12.05
CA TYR A 855 -3.01 -25.04 -11.37
C TYR A 855 -3.95 -23.84 -11.45
N CYS A 856 -4.49 -23.52 -12.66
CA CYS A 856 -5.43 -22.40 -12.79
C CYS A 856 -6.64 -22.58 -11.91
N GLU A 857 -7.22 -23.79 -11.92
CA GLU A 857 -8.39 -24.15 -11.13
C GLU A 857 -8.14 -24.06 -9.63
N ARG A 858 -7.00 -24.60 -9.13
CA ARG A 858 -6.63 -24.51 -7.70
C ARG A 858 -6.47 -23.03 -7.27
N ALA A 859 -5.69 -22.22 -8.01
CA ALA A 859 -5.45 -20.82 -7.71
C ALA A 859 -6.72 -20.02 -7.74
N TYR A 860 -7.62 -20.30 -8.68
CA TYR A 860 -8.92 -19.62 -8.73
C TYR A 860 -9.84 -20.02 -7.54
N THR A 861 -9.86 -21.32 -7.16
CA THR A 861 -10.66 -21.75 -6.02
C THR A 861 -10.07 -21.22 -4.65
N ILE A 862 -8.73 -21.14 -4.49
CA ILE A 862 -8.15 -20.59 -3.27
C ILE A 862 -8.52 -19.09 -3.16
N LEU A 863 -8.41 -18.33 -4.26
CA LEU A 863 -8.76 -16.91 -4.23
C LEU A 863 -10.24 -16.72 -3.97
N ARG A 864 -11.11 -17.60 -4.50
CA ARG A 864 -12.55 -17.52 -4.21
C ARG A 864 -12.84 -17.63 -2.70
N ARG A 865 -12.16 -18.54 -2.01
CA ARG A 865 -12.31 -18.70 -0.56
C ARG A 865 -11.96 -17.43 0.21
N HIS A 866 -11.10 -16.58 -0.34
CA HIS A 866 -10.74 -15.32 0.29
C HIS A 866 -11.32 -14.12 -0.46
N GLY A 867 -12.43 -14.32 -1.17
CA GLY A 867 -13.09 -13.28 -1.96
C GLY A 867 -13.46 -12.08 -1.14
N LEU A 868 -13.93 -12.34 0.09
CA LEU A 868 -14.33 -11.24 0.97
C LEU A 868 -13.13 -10.37 1.33
N LEU A 869 -11.92 -10.92 1.40
CA LEU A 869 -10.74 -10.15 1.71
C LEU A 869 -10.43 -9.15 0.60
N PHE A 870 -10.42 -9.58 -0.68
CA PHE A 870 -10.17 -8.67 -1.79
C PHE A 870 -11.26 -7.61 -1.91
N LEU A 871 -12.53 -7.96 -1.66
CA LEU A 871 -13.65 -7.02 -1.74
C LEU A 871 -13.56 -5.95 -0.64
N HIS A 872 -13.18 -6.36 0.59
CA HIS A 872 -13.06 -5.41 1.68
C HIS A 872 -11.94 -4.46 1.44
N LEU A 873 -10.79 -4.95 0.95
CA LEU A 873 -9.64 -4.10 0.67
C LEU A 873 -9.90 -3.19 -0.52
N PHE A 874 -10.60 -3.70 -1.53
CA PHE A 874 -10.95 -2.90 -2.70
C PHE A 874 -11.96 -1.81 -2.33
N ALA A 875 -12.83 -2.09 -1.34
CA ALA A 875 -13.82 -1.14 -0.84
C ALA A 875 -13.09 -0.02 -0.11
N LEU A 876 -12.02 -0.35 0.66
CA LEU A 876 -11.20 0.64 1.35
C LEU A 876 -10.43 1.53 0.37
N MET A 877 -10.07 0.97 -0.80
CA MET A 877 -9.35 1.69 -1.85
C MET A 877 -10.22 2.67 -2.64
N ARG A 878 -11.55 2.65 -2.44
CA ARG A 878 -12.41 3.65 -3.07
C ARG A 878 -12.01 5.09 -2.62
N ALA A 879 -11.32 5.19 -1.46
CA ALA A 879 -10.84 6.43 -0.87
C ALA A 879 -9.67 7.05 -1.64
N ALA A 880 -8.91 6.24 -2.41
CA ALA A 880 -7.73 6.70 -3.14
C ALA A 880 -8.05 7.64 -4.33
N GLY A 881 -9.27 7.54 -4.85
CA GLY A 881 -9.66 8.30 -6.00
C GLY A 881 -8.96 7.84 -7.27
N LEU A 882 -8.65 6.53 -7.40
CA LEU A 882 -8.07 5.99 -8.63
C LEU A 882 -9.22 5.99 -9.63
N PRO A 883 -9.00 6.50 -10.85
CA PRO A 883 -10.12 6.57 -11.81
C PRO A 883 -10.77 5.22 -12.13
N GLU A 884 -10.01 4.12 -12.19
CA GLU A 884 -10.61 2.81 -12.49
C GLU A 884 -11.16 2.07 -11.25
N LEU A 885 -11.24 2.76 -10.10
CA LEU A 885 -11.80 2.25 -8.86
C LEU A 885 -12.66 3.39 -8.29
N SER A 886 -13.79 3.67 -8.96
CA SER A 886 -14.65 4.82 -8.65
C SER A 886 -16.02 4.49 -8.04
N CYS A 887 -16.88 3.73 -8.74
CA CYS A 887 -18.21 3.38 -8.22
C CYS A 887 -18.35 1.86 -7.96
N SER A 888 -19.53 1.41 -7.50
CA SER A 888 -19.88 0.02 -7.23
C SER A 888 -19.79 -0.86 -8.49
N LYS A 889 -19.77 -0.26 -9.70
CA LYS A 889 -19.66 -0.99 -10.97
C LYS A 889 -18.33 -1.70 -11.05
N ASP A 890 -17.26 -1.02 -10.58
CA ASP A 890 -15.89 -1.52 -10.48
C ASP A 890 -15.80 -2.67 -9.44
N ILE A 891 -16.43 -2.52 -8.25
CA ILE A 891 -16.44 -3.58 -7.24
C ILE A 891 -17.28 -4.79 -7.68
N GLN A 892 -18.32 -4.57 -8.49
CA GLN A 892 -19.15 -5.64 -9.03
C GLN A 892 -18.32 -6.58 -9.90
N TYR A 893 -17.38 -6.01 -10.69
CA TYR A 893 -16.48 -6.75 -11.56
C TYR A 893 -15.73 -7.86 -10.80
N LEU A 894 -15.25 -7.56 -9.58
CA LEU A 894 -14.55 -8.54 -8.77
C LEU A 894 -15.48 -9.64 -8.26
N LYS A 895 -16.74 -9.29 -7.96
CA LYS A 895 -17.71 -10.26 -7.52
C LYS A 895 -18.04 -11.23 -8.65
N ASP A 896 -18.19 -10.71 -9.88
CA ASP A 896 -18.48 -11.56 -11.02
C ASP A 896 -17.26 -12.40 -11.42
N SER A 897 -16.05 -11.81 -11.46
CA SER A 897 -14.84 -12.57 -11.81
C SER A 897 -14.55 -13.63 -10.74
N LEU A 898 -14.80 -13.35 -9.45
CA LEU A 898 -14.62 -14.35 -8.39
C LEU A 898 -15.88 -15.21 -8.18
N ALA A 899 -16.97 -15.01 -8.98
CA ALA A 899 -18.26 -15.71 -8.96
C ALA A 899 -18.69 -16.08 -7.54
N LEU A 900 -18.72 -15.07 -6.66
CA LEU A 900 -18.91 -15.27 -5.23
C LEU A 900 -20.28 -15.74 -4.78
N GLY A 901 -21.34 -15.22 -5.40
CA GLY A 901 -22.70 -15.61 -5.04
C GLY A 901 -23.08 -17.02 -5.45
N LYS A 902 -22.17 -17.76 -6.11
CA LYS A 902 -22.40 -19.13 -6.59
C LYS A 902 -21.79 -20.16 -5.64
N THR A 903 -22.21 -21.42 -5.78
CA THR A 903 -21.61 -22.52 -5.01
C THR A 903 -20.17 -22.77 -5.57
N GLU A 904 -19.28 -23.41 -4.80
CA GLU A 904 -17.92 -23.67 -5.31
C GLU A 904 -17.95 -24.55 -6.57
N GLU A 905 -18.94 -25.44 -6.68
CA GLU A 905 -19.07 -26.30 -7.84
C GLU A 905 -19.59 -25.52 -9.05
N GLU A 906 -20.55 -24.61 -8.84
CA GLU A 906 -21.11 -23.83 -9.95
C GLU A 906 -20.12 -22.81 -10.49
N ALA A 907 -19.30 -22.22 -9.60
CA ALA A 907 -18.26 -21.25 -9.96
C ALA A 907 -17.13 -21.94 -10.73
N LEU A 908 -16.75 -23.15 -10.30
CA LEU A 908 -15.68 -23.91 -10.96
C LEU A 908 -16.10 -24.37 -12.36
N LYS A 909 -17.39 -24.69 -12.55
CA LYS A 909 -17.92 -25.06 -13.86
C LYS A 909 -17.97 -23.82 -14.79
N HIS A 910 -18.24 -22.64 -14.22
CA HIS A 910 -18.29 -21.37 -14.94
C HIS A 910 -16.90 -21.00 -15.38
N PHE A 911 -15.90 -21.11 -14.47
CA PHE A 911 -14.50 -20.85 -14.80
C PHE A 911 -14.05 -21.81 -15.92
N ARG A 912 -14.52 -23.07 -15.89
CA ARG A 912 -14.21 -24.06 -16.90
C ARG A 912 -14.73 -23.65 -18.26
N VAL A 913 -15.93 -23.07 -18.32
CA VAL A 913 -16.50 -22.58 -19.59
C VAL A 913 -15.67 -21.43 -20.15
N LYS A 914 -15.21 -20.50 -19.29
CA LYS A 914 -14.40 -19.37 -19.72
C LYS A 914 -12.95 -19.79 -20.08
N PHE A 915 -12.43 -20.88 -19.46
CA PHE A 915 -11.09 -21.39 -19.74
C PHE A 915 -11.12 -22.14 -21.07
N ASN A 916 -12.14 -23.00 -21.29
CA ASN A 916 -12.30 -23.71 -22.56
C ASN A 916 -12.48 -22.71 -23.71
N GLU A 917 -13.16 -21.59 -23.46
CA GLU A 917 -13.32 -20.53 -24.46
C GLU A 917 -12.01 -19.81 -24.80
N ALA A 918 -11.00 -19.90 -23.93
CA ALA A 918 -9.70 -19.28 -24.14
C ALA A 918 -8.77 -20.21 -24.94
N LEU A 919 -8.90 -21.54 -24.79
CA LEU A 919 -8.07 -22.48 -25.55
C LEU A 919 -8.49 -22.46 -27.03
N ARG A 920 -9.81 -22.36 -27.30
CA ARG A 920 -10.30 -22.27 -28.67
C ARG A 920 -9.82 -20.99 -29.35
N GLU A 921 -9.75 -19.89 -28.59
CA GLU A 921 -9.26 -18.62 -29.14
C GLU A 921 -7.72 -18.59 -29.30
N SER A 922 -7.00 -19.58 -28.73
CA SER A 922 -5.54 -19.67 -28.80
C SER A 922 -5.05 -20.20 -30.17
#